data_3QNA
#
_entry.id   3QNA
#
_cell.length_a   112.714
_cell.length_b   115.882
_cell.length_c   155.185
_cell.angle_alpha   90.00
_cell.angle_beta   90.00
_cell.angle_gamma   90.00
#
_symmetry.space_group_name_H-M   'I 2 2 2'
#
loop_
_entity.id
_entity.type
_entity.pdbx_description
1 polymer '6-carboxy-5,6,7,8-tetrahydropterin synthase'
2 non-polymer BIOPTERIN
3 non-polymer 'ZINC ION'
4 water water
#
_entity_poly.entity_id   1
_entity_poly.type   'polypeptide(L)'
_entity_poly.pdbx_seq_one_letter_code
;MGSSHHHHHHSSGLVPRGSHMMSTTLFKDFTFEAAHRLPHVPEGHKAGRLHGHSFMVRLEITGEVDPHTGWIIDFAELKA
AFKPTYERLDHHYLNDIPGLENPTSEVLAKWIWDQVKPVVPLLSAVMVKETCTAGCIYRGE
;
_entity_poly.pdbx_strand_id   A,B,C,D,E,F
#
loop_
_chem_comp.id
_chem_comp.type
_chem_comp.name
_chem_comp.formula
BIO non-polymer BIOPTERIN 'C9 H11 N5 O3'
ZN non-polymer 'ZINC ION' 'Zn 2'
#
# COMPACT_ATOMS: atom_id res chain seq x y z
N SER A 23 13.30 26.15 -0.06
CA SER A 23 12.19 25.67 0.83
C SER A 23 12.17 24.16 1.24
N THR A 24 11.89 23.88 2.54
CA THR A 24 11.66 22.51 3.03
C THR A 24 10.30 22.28 3.71
N THR A 25 9.63 21.20 3.32
CA THR A 25 8.37 20.83 3.92
C THR A 25 8.49 19.48 4.57
N LEU A 26 7.89 19.32 5.76
CA LEU A 26 7.78 18.00 6.40
C LEU A 26 6.35 17.63 6.50
N PHE A 27 6.10 16.32 6.59
CA PHE A 27 4.75 15.91 6.85
C PHE A 27 4.78 14.67 7.72
N LYS A 28 3.67 14.40 8.38
CA LYS A 28 3.51 13.21 9.15
C LYS A 28 2.08 12.72 8.98
N ASP A 29 1.91 11.42 8.84
CA ASP A 29 0.57 10.80 8.69
C ASP A 29 0.05 10.10 9.97
N PHE A 30 -1.25 10.13 10.16
CA PHE A 30 -1.91 9.54 11.32
C PHE A 30 -3.15 8.88 10.81
N THR A 31 -3.61 7.82 11.49
CA THR A 31 -4.90 7.16 11.19
C THR A 31 -5.78 7.09 12.43
N PHE A 32 -7.07 7.34 12.25
CA PHE A 32 -7.98 7.18 13.37
C PHE A 32 -9.24 6.58 12.86
N GLU A 33 -9.94 5.93 13.76
CA GLU A 33 -11.11 5.10 13.39
C GLU A 33 -12.29 5.76 14.03
N ALA A 34 -13.30 6.13 13.26
CA ALA A 34 -14.37 6.97 13.75
C ALA A 34 -15.65 6.77 12.99
N ALA A 35 -16.78 7.12 13.61
CA ALA A 35 -18.07 7.11 12.94
C ALA A 35 -18.48 8.51 12.55
N HIS A 36 -19.37 8.61 11.54
CA HIS A 36 -19.90 9.91 11.13
C HIS A 36 -21.07 9.67 10.21
N ARG A 37 -21.82 10.70 9.93
CA ARG A 37 -22.89 10.60 8.95
C ARG A 37 -23.08 12.02 8.46
N LEU A 38 -23.49 12.17 7.21
CA LEU A 38 -23.69 13.47 6.66
C LEU A 38 -25.17 13.87 6.82
N PRO A 39 -25.44 15.04 7.39
CA PRO A 39 -26.83 15.35 7.71
C PRO A 39 -27.52 16.13 6.60
N HIS A 40 -26.78 16.65 5.62
CA HIS A 40 -27.40 17.40 4.51
C HIS A 40 -27.39 16.78 3.12
N VAL A 41 -27.31 15.48 3.05
CA VAL A 41 -27.46 14.75 1.82
C VAL A 41 -28.95 14.48 1.53
N PRO A 42 -29.38 14.38 0.25
CA PRO A 42 -30.80 13.92 0.04
C PRO A 42 -31.00 12.61 0.74
N GLU A 43 -32.24 12.36 1.13
CA GLU A 43 -32.49 11.13 1.87
C GLU A 43 -32.35 9.95 0.90
N GLY A 44 -31.85 8.84 1.43
CA GLY A 44 -31.47 7.71 0.61
C GLY A 44 -30.00 7.69 0.20
N HIS A 45 -29.34 8.86 0.15
CA HIS A 45 -27.90 8.92 0.00
C HIS A 45 -27.15 8.08 1.06
N LYS A 46 -26.33 7.17 0.59
CA LYS A 46 -25.52 6.34 1.44
C LYS A 46 -24.80 7.08 2.59
N ALA A 47 -24.39 8.34 2.38
CA ALA A 47 -23.65 9.06 3.38
C ALA A 47 -24.54 9.59 4.51
N GLY A 48 -25.85 9.53 4.31
CA GLY A 48 -26.79 10.00 5.33
C GLY A 48 -27.00 8.99 6.43
N ARG A 49 -26.61 7.73 6.20
CA ARG A 49 -26.68 6.66 7.20
C ARG A 49 -25.46 6.77 8.11
N LEU A 50 -25.64 6.35 9.34
CA LEU A 50 -24.57 6.19 10.28
C LEU A 50 -23.52 5.20 9.75
N HIS A 51 -22.28 5.62 9.61
CA HIS A 51 -21.29 4.68 9.10
C HIS A 51 -19.97 5.11 9.65
N GLY A 52 -18.86 4.62 9.12
CA GLY A 52 -17.56 4.96 9.68
C GLY A 52 -16.49 4.86 8.63
N HIS A 53 -15.24 5.12 8.99
CA HIS A 53 -14.08 5.01 8.05
C HIS A 53 -12.87 4.95 8.92
N SER A 54 -11.77 4.54 8.30
CA SER A 54 -10.41 4.66 8.86
C SER A 54 -9.87 5.90 8.20
N PHE A 55 -9.93 7.01 8.91
CA PHE A 55 -9.55 8.28 8.33
C PHE A 55 -8.01 8.41 8.37
N MET A 56 -7.40 8.84 7.29
CA MET A 56 -6.02 9.24 7.39
C MET A 56 -5.92 10.77 7.38
N VAL A 57 -5.10 11.32 8.29
CA VAL A 57 -4.72 12.74 8.28
C VAL A 57 -3.25 12.90 8.03
N ARG A 58 -2.93 13.78 7.09
CA ARG A 58 -1.52 14.23 6.88
C ARG A 58 -1.40 15.68 7.36
N LEU A 59 -0.48 15.93 8.29
CA LEU A 59 -0.09 17.32 8.61
C LEU A 59 1.22 17.70 7.97
N GLU A 60 1.26 18.89 7.43
CA GLU A 60 2.34 19.32 6.56
C GLU A 60 2.83 20.66 7.12
N ILE A 61 4.11 20.73 7.46
CA ILE A 61 4.68 22.00 7.88
C ILE A 61 5.86 22.45 7.04
N THR A 62 6.10 23.75 7.06
CA THR A 62 7.02 24.37 6.16
C THR A 62 7.82 25.36 6.96
N GLY A 63 9.12 25.42 6.72
CA GLY A 63 9.96 26.27 7.53
C GLY A 63 11.43 26.00 7.38
N GLU A 64 12.22 26.70 8.21
CA GLU A 64 13.67 26.72 8.11
C GLU A 64 14.22 25.54 8.88
N VAL A 65 15.17 24.85 8.27
CA VAL A 65 15.94 23.79 8.91
C VAL A 65 17.07 24.35 9.81
N ASP A 66 17.07 23.99 11.09
CA ASP A 66 18.12 24.37 12.02
C ASP A 66 19.46 23.70 11.64
N PRO A 67 20.57 24.48 11.63
CA PRO A 67 21.87 23.94 11.18
C PRO A 67 22.36 22.87 12.16
N HIS A 68 22.07 23.06 13.44
CA HIS A 68 22.47 22.11 14.46
C HIS A 68 21.62 20.84 14.53
N THR A 69 20.29 20.97 14.62
CA THR A 69 19.45 19.76 14.72
C THR A 69 19.34 19.03 13.35
N GLY A 70 19.55 19.76 12.26
CA GLY A 70 19.31 19.23 10.93
C GLY A 70 17.82 18.96 10.57
N TRP A 71 16.89 19.58 11.31
CA TRP A 71 15.49 19.34 11.04
C TRP A 71 14.65 20.62 11.27
N ILE A 72 13.39 20.62 10.83
CA ILE A 72 12.54 21.76 11.12
C ILE A 72 12.07 21.65 12.55
N ILE A 73 11.31 20.58 12.84
CA ILE A 73 11.14 20.08 14.23
C ILE A 73 11.11 18.56 14.22
N ASP A 74 11.11 17.96 15.39
CA ASP A 74 11.18 16.53 15.51
C ASP A 74 9.78 16.02 15.11
N PHE A 75 9.76 15.03 14.24
CA PHE A 75 8.50 14.30 13.96
C PHE A 75 7.70 14.01 15.25
N ALA A 76 8.40 13.62 16.33
CA ALA A 76 7.70 13.24 17.57
C ALA A 76 7.04 14.48 18.23
N GLU A 77 7.59 15.68 17.98
CA GLU A 77 7.04 16.95 18.48
C GLU A 77 5.75 17.28 17.71
N LEU A 78 5.75 17.02 16.42
CA LEU A 78 4.54 17.13 15.65
C LEU A 78 3.48 16.15 16.13
N LYS A 79 3.87 14.88 16.30
CA LYS A 79 2.96 13.87 16.81
C LYS A 79 2.41 14.36 18.16
N ALA A 80 3.25 14.96 19.01
CA ALA A 80 2.80 15.38 20.36
C ALA A 80 1.85 16.60 20.33
N ALA A 81 2.04 17.49 19.37
CA ALA A 81 1.14 18.63 19.34
C ALA A 81 -0.24 18.21 18.80
N PHE A 82 -0.27 17.16 17.99
CA PHE A 82 -1.54 16.71 17.43
C PHE A 82 -2.35 15.87 18.43
N LYS A 83 -1.65 15.31 19.42
CA LYS A 83 -2.26 14.32 20.32
C LYS A 83 -3.62 14.72 20.93
N PRO A 84 -3.76 15.95 21.48
CA PRO A 84 -5.09 16.18 22.13
C PRO A 84 -6.22 16.21 21.08
N THR A 85 -5.94 16.74 19.90
CA THR A 85 -6.92 16.67 18.79
C THR A 85 -7.18 15.24 18.31
N TYR A 86 -6.10 14.48 18.10
CA TYR A 86 -6.19 13.06 17.72
C TYR A 86 -7.12 12.29 18.68
N GLU A 87 -6.97 12.49 19.99
CA GLU A 87 -7.75 11.72 20.96
C GLU A 87 -9.25 12.00 20.97
N ARG A 88 -9.62 13.22 20.52
CA ARG A 88 -11.02 13.57 20.36
C ARG A 88 -11.61 12.92 19.15
N LEU A 89 -10.76 12.51 18.21
CA LEU A 89 -11.32 11.98 16.96
C LEU A 89 -11.28 10.51 16.96
N ASP A 90 -10.20 9.92 17.48
CA ASP A 90 -10.04 8.46 17.41
C ASP A 90 -11.08 7.66 18.19
N HIS A 91 -11.67 6.64 17.57
CA HIS A 91 -12.74 5.86 18.20
C HIS A 91 -13.82 6.75 18.84
N HIS A 92 -14.34 7.72 18.06
CA HIS A 92 -15.42 8.60 18.49
C HIS A 92 -16.45 8.69 17.35
N TYR A 93 -17.58 9.35 17.65
CA TYR A 93 -18.62 9.66 16.68
C TYR A 93 -18.45 11.13 16.41
N LEU A 94 -18.10 11.45 15.19
CA LEU A 94 -17.68 12.82 14.83
C LEU A 94 -18.83 13.82 14.92
N ASN A 95 -20.03 13.45 14.48
CA ASN A 95 -21.16 14.36 14.65
C ASN A 95 -21.32 15.00 16.04
N ASP A 96 -20.81 14.37 17.09
CA ASP A 96 -21.02 14.89 18.46
C ASP A 96 -19.96 15.90 18.88
N ILE A 97 -18.94 16.08 18.06
CA ILE A 97 -17.89 17.00 18.37
C ILE A 97 -18.33 18.38 17.86
N PRO A 98 -18.36 19.39 18.73
CA PRO A 98 -18.87 20.66 18.19
C PRO A 98 -17.93 21.19 17.11
N GLY A 99 -18.51 21.70 16.02
CA GLY A 99 -17.79 22.17 14.84
C GLY A 99 -17.86 21.08 13.79
N LEU A 100 -18.25 19.87 14.19
CA LEU A 100 -18.21 18.74 13.24
C LEU A 100 -19.59 18.19 12.96
N GLU A 101 -20.64 18.99 13.13
CA GLU A 101 -21.95 18.43 12.88
C GLU A 101 -22.24 18.17 11.42
N ASN A 102 -21.45 18.72 10.50
CA ASN A 102 -21.49 18.26 9.12
C ASN A 102 -20.08 17.75 8.79
N PRO A 103 -19.77 16.49 9.19
CA PRO A 103 -18.38 15.99 9.13
C PRO A 103 -17.90 15.46 7.77
N THR A 104 -17.95 16.31 6.75
CA THR A 104 -17.39 15.98 5.43
C THR A 104 -15.88 16.05 5.53
N SER A 105 -15.20 15.58 4.50
CA SER A 105 -13.78 15.62 4.48
C SER A 105 -13.35 17.07 4.47
N GLU A 106 -14.02 17.91 3.69
CA GLU A 106 -13.64 19.31 3.61
C GLU A 106 -13.81 20.00 4.98
N VAL A 107 -14.93 19.74 5.65
CA VAL A 107 -15.15 20.41 6.90
C VAL A 107 -14.16 19.94 7.95
N LEU A 108 -13.78 18.69 7.86
CA LEU A 108 -12.91 18.09 8.83
C LEU A 108 -11.48 18.55 8.68
N ALA A 109 -10.99 18.67 7.46
CA ALA A 109 -9.67 19.21 7.24
C ALA A 109 -9.54 20.63 7.79
N LYS A 110 -10.55 21.45 7.52
CA LYS A 110 -10.58 22.82 8.09
C LYS A 110 -10.61 22.78 9.61
N TRP A 111 -11.41 21.86 10.16
CA TRP A 111 -11.62 21.85 11.60
C TRP A 111 -10.30 21.48 12.25
N ILE A 112 -9.63 20.48 11.68
CA ILE A 112 -8.33 20.09 12.22
C ILE A 112 -7.31 21.21 12.06
N TRP A 113 -7.28 21.86 10.89
CA TRP A 113 -6.39 23.00 10.72
C TRP A 113 -6.61 23.96 11.90
N ASP A 114 -7.87 24.24 12.19
CA ASP A 114 -8.19 25.28 13.13
C ASP A 114 -7.77 24.88 14.55
N GLN A 115 -7.70 23.57 14.84
CA GLN A 115 -7.31 23.14 16.16
C GLN A 115 -5.78 23.08 16.22
N VAL A 116 -5.13 22.87 15.08
CA VAL A 116 -3.73 22.54 15.12
C VAL A 116 -2.80 23.73 14.80
N LYS A 117 -3.25 24.62 13.92
CA LYS A 117 -2.49 25.85 13.64
C LYS A 117 -2.06 26.64 14.91
N PRO A 118 -2.95 26.83 15.93
CA PRO A 118 -2.49 27.58 17.12
C PRO A 118 -1.31 26.93 17.85
N VAL A 119 -1.24 25.61 17.82
CA VAL A 119 -0.14 24.94 18.52
C VAL A 119 0.98 24.49 17.57
N VAL A 120 0.78 24.62 16.26
CA VAL A 120 1.84 24.36 15.28
C VAL A 120 1.83 25.49 14.30
N PRO A 121 2.49 26.62 14.61
CA PRO A 121 2.35 27.77 13.69
C PRO A 121 2.93 27.57 12.28
N LEU A 122 3.73 26.52 12.07
CA LEU A 122 4.31 26.29 10.73
C LEU A 122 3.45 25.37 9.87
N LEU A 123 2.30 24.97 10.38
CA LEU A 123 1.40 24.10 9.63
C LEU A 123 1.12 24.79 8.30
N SER A 124 1.36 24.09 7.19
CA SER A 124 1.11 24.66 5.90
C SER A 124 0.02 23.87 5.15
N ALA A 125 -0.25 22.62 5.57
CA ALA A 125 -1.44 21.94 5.03
C ALA A 125 -1.97 20.81 5.90
N VAL A 126 -3.25 20.50 5.69
CA VAL A 126 -3.93 19.35 6.28
C VAL A 126 -4.68 18.56 5.19
N MET A 127 -4.29 17.29 5.04
CA MET A 127 -5.00 16.39 4.13
C MET A 127 -5.82 15.39 4.94
N VAL A 128 -7.07 15.17 4.55
CA VAL A 128 -7.90 14.17 5.19
C VAL A 128 -8.31 13.24 4.11
N LYS A 129 -8.12 11.94 4.35
CA LYS A 129 -8.60 10.88 3.51
C LYS A 129 -9.66 10.03 4.28
N GLU A 130 -10.89 10.08 3.80
CA GLU A 130 -11.98 9.22 4.22
C GLU A 130 -11.71 7.75 3.84
N THR A 131 -11.36 7.52 2.56
CA THR A 131 -11.17 6.17 2.04
C THR A 131 -9.80 6.17 1.41
N CYS A 132 -9.35 5.01 0.95
CA CYS A 132 -8.07 4.95 0.28
C CYS A 132 -8.08 5.77 -1.06
N THR A 133 -9.26 5.96 -1.64
CA THR A 133 -9.31 6.59 -2.95
C THR A 133 -9.80 8.04 -3.00
N ALA A 134 -10.01 8.68 -1.86
CA ALA A 134 -10.72 9.92 -1.88
C ALA A 134 -10.35 10.79 -0.69
N GLY A 135 -10.00 12.03 -1.01
CA GLY A 135 -9.72 12.96 0.03
C GLY A 135 -9.80 14.43 -0.25
N CYS A 136 -9.18 15.14 0.64
CA CYS A 136 -9.26 16.55 0.60
C CYS A 136 -8.01 17.17 1.21
N ILE A 137 -7.57 18.30 0.67
CA ILE A 137 -6.46 19.03 1.24
C ILE A 137 -6.85 20.46 1.52
N TYR A 138 -6.54 20.92 2.72
CA TYR A 138 -6.87 22.28 3.11
C TYR A 138 -5.59 23.06 3.38
N ARG A 139 -5.51 24.26 2.84
CA ARG A 139 -4.29 25.04 3.07
C ARG A 139 -4.50 26.53 3.28
N GLY A 140 -3.84 27.05 4.32
CA GLY A 140 -3.81 28.52 4.63
C GLY A 140 -5.20 28.97 5.14
N SER B 23 -7.70 27.92 0.94
CA SER B 23 -7.98 27.14 -0.31
C SER B 23 -8.19 25.59 -0.06
N THR B 24 -9.27 25.04 -0.64
CA THR B 24 -9.58 23.62 -0.56
C THR B 24 -9.52 22.89 -1.89
N THR B 25 -8.89 21.72 -1.85
CA THR B 25 -8.74 20.86 -3.02
C THR B 25 -9.33 19.49 -2.71
N LEU B 26 -10.05 18.88 -3.62
CA LEU B 26 -10.52 17.57 -3.31
C LEU B 26 -10.04 16.65 -4.41
N PHE B 27 -9.88 15.35 -4.12
CA PHE B 27 -9.35 14.48 -5.14
C PHE B 27 -9.99 13.12 -4.97
N LYS B 28 -9.96 12.35 -6.05
CA LYS B 28 -10.58 11.07 -6.17
C LYS B 28 -9.73 10.24 -7.11
N ASP B 29 -9.39 9.01 -6.72
CA ASP B 29 -8.59 8.10 -7.52
C ASP B 29 -9.39 6.95 -8.16
N PHE B 30 -8.98 6.56 -9.36
CA PHE B 30 -9.57 5.52 -10.13
C PHE B 30 -8.45 4.69 -10.70
N THR B 31 -8.68 3.39 -10.83
CA THR B 31 -7.77 2.54 -11.53
C THR B 31 -8.48 1.86 -12.69
N PHE B 32 -7.74 1.66 -13.78
CA PHE B 32 -8.28 0.96 -14.94
C PHE B 32 -7.21 0.06 -15.55
N GLU B 33 -7.68 -1.02 -16.17
CA GLU B 33 -6.81 -2.03 -16.79
C GLU B 33 -6.77 -1.93 -18.34
N ALA B 34 -5.59 -1.61 -18.87
CA ALA B 34 -5.49 -1.28 -20.27
C ALA B 34 -4.19 -1.81 -20.88
N ALA B 35 -4.27 -2.06 -22.17
CA ALA B 35 -3.09 -2.35 -22.89
C ALA B 35 -2.63 -1.08 -23.61
N HIS B 36 -1.32 -0.97 -23.81
CA HIS B 36 -0.87 0.02 -24.73
C HIS B 36 0.51 -0.34 -25.20
N ARG B 37 1.09 0.56 -25.97
CA ARG B 37 2.41 0.37 -26.52
C ARG B 37 2.91 1.70 -27.07
N LEU B 38 4.21 1.93 -27.00
CA LEU B 38 4.76 3.21 -27.51
C LEU B 38 5.39 3.12 -28.90
N PRO B 39 4.94 3.96 -29.83
CA PRO B 39 5.35 3.91 -31.23
C PRO B 39 6.64 4.63 -31.56
N HIS B 40 7.00 5.61 -30.74
CA HIS B 40 8.16 6.41 -31.09
C HIS B 40 9.43 6.13 -30.25
N VAL B 41 9.54 4.93 -29.69
CA VAL B 41 10.75 4.58 -28.94
C VAL B 41 11.77 3.86 -29.81
N PRO B 42 13.05 3.89 -29.44
CA PRO B 42 13.97 3.16 -30.37
C PRO B 42 13.68 1.66 -30.46
N GLU B 43 14.08 1.08 -31.58
CA GLU B 43 13.81 -0.33 -31.89
C GLU B 43 13.72 -1.27 -30.66
N GLY B 44 14.80 -1.70 -30.05
CA GLY B 44 14.61 -2.73 -28.99
C GLY B 44 14.00 -2.29 -27.64
N HIS B 45 13.55 -1.05 -27.55
CA HIS B 45 13.01 -0.51 -26.33
C HIS B 45 11.80 -1.31 -25.90
N LYS B 46 11.76 -1.66 -24.62
CA LYS B 46 10.71 -2.50 -24.10
C LYS B 46 9.31 -1.85 -24.10
N ALA B 47 9.24 -0.53 -24.10
CA ALA B 47 7.93 0.10 -24.12
C ALA B 47 7.27 0.01 -25.52
N GLY B 48 8.08 -0.41 -26.50
CA GLY B 48 7.67 -0.52 -27.90
C GLY B 48 6.91 -1.82 -28.13
N ARG B 49 7.10 -2.80 -27.24
CA ARG B 49 6.28 -4.00 -27.28
C ARG B 49 4.85 -3.71 -26.80
N LEU B 50 3.88 -4.40 -27.38
CA LEU B 50 2.57 -4.54 -26.80
C LEU B 50 2.64 -5.01 -25.34
N HIS B 51 2.19 -4.16 -24.39
CA HIS B 51 2.09 -4.59 -22.97
C HIS B 51 0.90 -3.86 -22.37
N GLY B 52 0.89 -3.77 -21.02
CA GLY B 52 -0.27 -3.29 -20.32
C GLY B 52 0.10 -2.82 -18.95
N HIS B 53 -0.86 -2.23 -18.25
CA HIS B 53 -0.66 -1.82 -16.85
C HIS B 53 -1.98 -1.70 -16.14
N SER B 54 -1.90 -1.55 -14.83
CA SER B 54 -3.05 -1.07 -14.05
C SER B 54 -2.80 0.40 -13.86
N PHE B 55 -3.53 1.24 -14.60
CA PHE B 55 -3.26 2.65 -14.61
C PHE B 55 -3.98 3.26 -13.41
N MET B 56 -3.41 4.30 -12.83
CA MET B 56 -4.06 4.95 -11.74
C MET B 56 -4.19 6.39 -12.19
N VAL B 57 -5.39 6.91 -12.06
CA VAL B 57 -5.60 8.32 -12.25
C VAL B 57 -6.25 9.06 -11.07
N ARG B 58 -5.67 10.19 -10.74
CA ARG B 58 -6.21 11.01 -9.69
C ARG B 58 -6.71 12.24 -10.36
N LEU B 59 -8.00 12.52 -10.11
CA LEU B 59 -8.59 13.77 -10.51
C LEU B 59 -8.66 14.68 -9.30
N GLU B 60 -8.22 15.91 -9.51
CA GLU B 60 -8.16 16.88 -8.44
C GLU B 60 -8.99 18.06 -8.81
N ILE B 61 -9.78 18.54 -7.87
CA ILE B 61 -10.43 19.79 -8.08
C ILE B 61 -10.20 20.78 -6.95
N THR B 62 -10.30 22.06 -7.29
CA THR B 62 -10.17 23.18 -6.37
C THR B 62 -11.38 24.10 -6.52
N GLY B 63 -11.91 24.56 -5.40
CA GLY B 63 -13.09 25.38 -5.41
C GLY B 63 -13.57 25.67 -4.01
N GLU B 64 -14.65 26.44 -3.91
CA GLU B 64 -15.19 26.86 -2.62
C GLU B 64 -16.04 25.73 -2.09
N VAL B 65 -16.04 25.60 -0.78
CA VAL B 65 -16.83 24.64 -0.03
C VAL B 65 -18.19 25.32 0.25
N ASP B 66 -19.26 24.71 -0.24
CA ASP B 66 -20.58 25.18 0.03
C ASP B 66 -20.95 25.04 1.53
N PRO B 67 -21.52 26.11 2.13
CA PRO B 67 -22.00 26.11 3.53
C PRO B 67 -23.07 25.08 3.82
N HIS B 68 -24.00 24.81 2.91
CA HIS B 68 -25.05 23.85 3.21
C HIS B 68 -24.54 22.41 3.06
N THR B 69 -23.98 22.07 1.90
CA THR B 69 -23.48 20.67 1.66
C THR B 69 -22.21 20.28 2.45
N GLY B 70 -21.39 21.28 2.80
CA GLY B 70 -20.12 21.05 3.48
C GLY B 70 -19.04 20.50 2.53
N TRP B 71 -19.25 20.64 1.21
CA TRP B 71 -18.32 20.10 0.22
C TRP B 71 -18.21 20.97 -1.01
N ILE B 72 -17.16 20.74 -1.82
CA ILE B 72 -17.06 21.39 -3.10
C ILE B 72 -18.09 20.80 -4.07
N ILE B 73 -17.97 19.51 -4.37
CA ILE B 73 -19.02 18.68 -4.95
C ILE B 73 -18.82 17.29 -4.34
N ASP B 74 -19.85 16.45 -4.39
CA ASP B 74 -19.81 15.09 -3.92
C ASP B 74 -18.72 14.33 -4.68
N PHE B 75 -17.93 13.51 -4.00
CA PHE B 75 -17.08 12.51 -4.65
C PHE B 75 -17.82 11.74 -5.76
N ALA B 76 -19.07 11.34 -5.50
CA ALA B 76 -19.87 10.60 -6.48
C ALA B 76 -20.17 11.42 -7.76
N GLU B 77 -20.29 12.74 -7.61
CA GLU B 77 -20.42 13.63 -8.77
C GLU B 77 -19.17 13.69 -9.63
N LEU B 78 -18.01 13.71 -9.00
CA LEU B 78 -16.78 13.70 -9.75
C LEU B 78 -16.65 12.36 -10.46
N LYS B 79 -17.05 11.30 -9.75
CA LYS B 79 -17.05 9.99 -10.32
C LYS B 79 -17.93 9.95 -11.56
N ALA B 80 -19.15 10.48 -11.46
CA ALA B 80 -20.12 10.39 -12.56
C ALA B 80 -19.68 11.16 -13.79
N ALA B 81 -19.07 12.32 -13.60
CA ALA B 81 -18.53 13.08 -14.72
C ALA B 81 -17.42 12.29 -15.41
N PHE B 82 -16.64 11.52 -14.67
CA PHE B 82 -15.50 10.88 -15.29
C PHE B 82 -15.88 9.60 -15.99
N LYS B 83 -17.05 9.08 -15.66
CA LYS B 83 -17.47 7.80 -16.15
C LYS B 83 -17.41 7.56 -17.70
N PRO B 84 -18.10 8.38 -18.50
CA PRO B 84 -17.97 8.16 -19.93
C PRO B 84 -16.51 8.06 -20.39
N THR B 85 -15.62 8.89 -19.86
CA THR B 85 -14.22 8.75 -20.20
C THR B 85 -13.57 7.50 -19.63
N TYR B 86 -13.83 7.20 -18.36
CA TYR B 86 -13.34 5.97 -17.74
C TYR B 86 -13.68 4.70 -18.57
N GLU B 87 -14.93 4.59 -19.01
CA GLU B 87 -15.41 3.42 -19.80
C GLU B 87 -14.63 3.22 -21.08
N ARG B 88 -14.21 4.34 -21.68
CA ARG B 88 -13.43 4.30 -22.90
C ARG B 88 -12.03 3.71 -22.63
N LEU B 89 -11.54 3.86 -21.39
CA LEU B 89 -10.16 3.49 -21.05
C LEU B 89 -10.08 2.08 -20.49
N ASP B 90 -11.00 1.67 -19.60
CA ASP B 90 -10.82 0.42 -18.86
C ASP B 90 -11.02 -0.81 -19.73
N HIS B 91 -10.17 -1.82 -19.56
CA HIS B 91 -10.20 -3.01 -20.41
C HIS B 91 -10.26 -2.64 -21.88
N HIS B 92 -9.42 -1.67 -22.27
CA HIS B 92 -9.22 -1.36 -23.68
C HIS B 92 -7.74 -1.24 -24.04
N TYR B 93 -7.53 -1.18 -25.36
CA TYR B 93 -6.24 -0.92 -25.97
C TYR B 93 -6.14 0.58 -26.26
N LEU B 94 -5.23 1.25 -25.58
CA LEU B 94 -5.16 2.68 -25.63
C LEU B 94 -4.88 3.24 -27.03
N ASN B 95 -3.93 2.65 -27.75
CA ASN B 95 -3.54 3.13 -29.07
C ASN B 95 -4.69 3.24 -30.08
N ASP B 96 -5.75 2.50 -29.87
CA ASP B 96 -6.91 2.65 -30.76
C ASP B 96 -7.83 3.83 -30.44
N ILE B 97 -7.58 4.55 -29.36
CA ILE B 97 -8.36 5.69 -29.02
C ILE B 97 -7.72 6.95 -29.62
N PRO B 98 -8.51 7.71 -30.42
CA PRO B 98 -8.02 8.94 -31.11
C PRO B 98 -7.47 9.92 -30.13
N GLY B 99 -6.26 10.40 -30.37
CA GLY B 99 -5.58 11.33 -29.48
C GLY B 99 -4.65 10.51 -28.60
N LEU B 100 -4.80 9.19 -28.57
CA LEU B 100 -3.88 8.40 -27.78
C LEU B 100 -2.95 7.51 -28.58
N GLU B 101 -2.62 7.89 -29.81
CA GLU B 101 -1.73 7.04 -30.58
C GLU B 101 -0.29 7.05 -30.07
N ASN B 102 0.06 8.04 -29.27
CA ASN B 102 1.32 7.94 -28.54
C ASN B 102 1.08 7.96 -27.03
N PRO B 103 0.72 6.82 -26.44
CA PRO B 103 0.08 6.90 -25.11
C PRO B 103 1.00 6.86 -23.89
N THR B 104 1.83 7.89 -23.77
CA THR B 104 2.76 8.00 -22.63
C THR B 104 1.92 8.46 -21.49
N SER B 105 2.50 8.45 -20.30
CA SER B 105 1.84 8.98 -19.12
C SER B 105 1.50 10.43 -19.35
N GLU B 106 2.44 11.18 -19.92
CA GLU B 106 2.29 12.58 -20.11
C GLU B 106 1.16 12.84 -21.11
N VAL B 107 1.10 12.05 -22.17
CA VAL B 107 0.08 12.29 -23.12
C VAL B 107 -1.28 11.86 -22.59
N LEU B 108 -1.27 10.80 -21.79
CA LEU B 108 -2.52 10.32 -21.20
C LEU B 108 -3.10 11.37 -20.22
N ALA B 109 -2.25 11.91 -19.38
CA ALA B 109 -2.64 12.93 -18.42
C ALA B 109 -3.29 14.16 -19.10
N LYS B 110 -2.65 14.69 -20.15
CA LYS B 110 -3.20 15.81 -20.86
C LYS B 110 -4.51 15.43 -21.55
N TRP B 111 -4.59 14.20 -22.02
CA TRP B 111 -5.75 13.84 -22.83
C TRP B 111 -6.99 13.72 -21.91
N ILE B 112 -6.77 13.26 -20.68
CA ILE B 112 -7.84 13.13 -19.68
C ILE B 112 -8.28 14.52 -19.25
N TRP B 113 -7.34 15.38 -19.01
CA TRP B 113 -7.63 16.75 -18.72
C TRP B 113 -8.55 17.28 -19.82
N ASP B 114 -8.14 17.09 -21.07
CA ASP B 114 -8.91 17.61 -22.15
C ASP B 114 -10.33 17.05 -22.23
N GLN B 115 -10.54 15.80 -21.79
CA GLN B 115 -11.89 15.23 -21.82
C GLN B 115 -12.73 15.70 -20.67
N VAL B 116 -12.10 15.95 -19.49
CA VAL B 116 -12.82 16.13 -18.23
C VAL B 116 -13.00 17.58 -17.87
N LYS B 117 -11.95 18.37 -18.12
CA LYS B 117 -11.97 19.81 -17.94
C LYS B 117 -13.26 20.45 -18.44
N PRO B 118 -13.67 20.18 -19.72
CA PRO B 118 -14.90 20.88 -20.16
C PRO B 118 -16.13 20.48 -19.36
N VAL B 119 -16.14 19.31 -18.72
CA VAL B 119 -17.32 19.02 -17.96
C VAL B 119 -17.13 19.33 -16.54
N VAL B 120 -15.90 19.35 -16.06
CA VAL B 120 -15.69 19.69 -14.68
C VAL B 120 -14.75 20.88 -14.62
N PRO B 121 -15.31 22.08 -14.75
CA PRO B 121 -14.43 23.27 -14.80
C PRO B 121 -13.57 23.49 -13.56
N LEU B 122 -13.92 22.88 -12.43
CA LEU B 122 -13.11 23.03 -11.19
C LEU B 122 -11.82 22.24 -11.24
N LEU B 123 -11.68 21.42 -12.29
CA LEU B 123 -10.50 20.53 -12.41
C LEU B 123 -9.26 21.36 -12.36
N SER B 124 -8.36 20.96 -11.46
CA SER B 124 -7.08 21.62 -11.32
C SER B 124 -5.88 20.71 -11.55
N ALA B 125 -6.08 19.40 -11.50
CA ALA B 125 -4.99 18.49 -11.83
C ALA B 125 -5.44 17.07 -12.23
N VAL B 126 -4.63 16.42 -13.09
CA VAL B 126 -4.80 15.02 -13.48
C VAL B 126 -3.46 14.36 -13.31
N MET B 127 -3.43 13.30 -12.50
CA MET B 127 -2.22 12.54 -12.33
C MET B 127 -2.41 11.16 -12.92
N VAL B 128 -1.42 10.73 -13.68
CA VAL B 128 -1.43 9.33 -14.10
C VAL B 128 -0.21 8.62 -13.59
N LYS B 129 -0.42 7.40 -13.13
CA LYS B 129 0.67 6.51 -12.73
C LYS B 129 0.50 5.21 -13.49
N GLU B 130 1.42 4.90 -14.40
CA GLU B 130 1.49 3.58 -15.03
C GLU B 130 1.79 2.43 -14.07
N THR B 131 2.79 2.66 -13.20
CA THR B 131 3.24 1.61 -12.31
C THR B 131 3.19 2.18 -10.94
N CYS B 132 3.48 1.32 -9.97
CA CYS B 132 3.46 1.71 -8.56
C CYS B 132 4.38 2.92 -8.26
N THR B 133 5.45 3.07 -9.03
CA THR B 133 6.51 3.99 -8.69
C THR B 133 6.81 5.13 -9.69
N ALA B 134 5.91 5.42 -10.61
CA ALA B 134 6.23 6.39 -11.62
C ALA B 134 4.98 6.96 -12.20
N GLY B 135 5.03 8.23 -12.54
CA GLY B 135 3.83 8.88 -12.90
C GLY B 135 4.06 10.27 -13.32
N CYS B 136 2.94 10.93 -13.52
CA CYS B 136 2.97 12.20 -14.14
C CYS B 136 1.77 13.07 -13.72
N ILE B 137 1.99 14.36 -13.64
CA ILE B 137 0.96 15.24 -13.18
C ILE B 137 0.81 16.40 -14.15
N TYR B 138 -0.40 16.58 -14.62
CA TYR B 138 -0.71 17.62 -15.56
C TYR B 138 -1.59 18.60 -14.89
N ARG B 139 -1.21 19.87 -14.95
CA ARG B 139 -2.13 20.86 -14.46
C ARG B 139 -2.55 22.00 -15.36
N GLY B 140 -2.85 21.71 -16.62
CA GLY B 140 -3.42 22.71 -17.53
C GLY B 140 -2.45 23.57 -18.35
N SER C 23 1.40 23.34 -17.54
CA SER C 23 2.56 22.65 -16.84
C SER C 23 2.47 21.10 -16.56
N THR C 24 3.60 20.39 -16.83
CA THR C 24 3.72 18.93 -16.65
C THR C 24 4.90 18.50 -15.81
N THR C 25 4.62 17.65 -14.83
CA THR C 25 5.62 17.15 -13.90
C THR C 25 5.71 15.64 -13.94
N LEU C 26 6.89 15.09 -13.87
CA LEU C 26 6.98 13.64 -13.86
C LEU C 26 7.76 13.18 -12.63
N PHE C 27 7.49 11.96 -12.20
CA PHE C 27 8.06 11.56 -10.94
C PHE C 27 8.35 10.08 -10.97
N LYS C 28 9.43 9.71 -10.29
CA LYS C 28 9.84 8.33 -10.13
C LYS C 28 10.29 8.07 -8.68
N ASP C 29 9.88 6.93 -8.11
CA ASP C 29 10.17 6.61 -6.73
C ASP C 29 11.24 5.52 -6.63
N PHE C 30 12.12 5.58 -5.65
CA PHE C 30 13.06 4.51 -5.40
C PHE C 30 13.10 4.15 -3.95
N THR C 31 13.51 2.92 -3.62
CA THR C 31 13.76 2.66 -2.22
C THR C 31 15.16 2.10 -2.00
N PHE C 32 15.82 2.56 -0.95
CA PHE C 32 17.05 1.94 -0.54
C PHE C 32 17.08 1.61 0.94
N GLU C 33 17.92 0.64 1.28
CA GLU C 33 18.00 0.09 2.64
C GLU C 33 19.28 0.58 3.24
N ALA C 34 19.23 1.30 4.36
CA ALA C 34 20.45 1.90 4.83
C ALA C 34 20.40 2.00 6.33
N ALA C 35 21.56 2.16 6.98
CA ALA C 35 21.63 2.50 8.39
C ALA C 35 22.01 3.99 8.58
N HIS C 36 21.58 4.56 9.71
CA HIS C 36 22.02 5.85 10.11
C HIS C 36 21.84 6.01 11.60
N ARG C 37 22.41 7.08 12.14
CA ARG C 37 22.03 7.57 13.48
C ARG C 37 22.11 9.08 13.53
N LEU C 38 21.37 9.70 14.43
CA LEU C 38 21.39 11.15 14.49
C LEU C 38 22.34 11.65 15.63
N PRO C 39 23.36 12.44 15.26
CA PRO C 39 24.43 12.77 16.19
C PRO C 39 24.08 13.88 17.16
N HIS C 40 23.03 14.67 16.86
CA HIS C 40 22.70 15.91 17.60
C HIS C 40 21.35 15.92 18.38
N VAL C 41 20.87 14.75 18.76
CA VAL C 41 19.66 14.61 19.58
C VAL C 41 20.05 14.41 21.05
N PRO C 42 19.15 14.72 22.00
CA PRO C 42 19.58 14.57 23.41
C PRO C 42 19.95 13.15 23.76
N GLU C 43 20.94 13.01 24.63
CA GLU C 43 21.23 11.80 25.42
C GLU C 43 20.34 10.56 25.22
N GLY C 44 19.07 10.59 25.58
CA GLY C 44 18.33 9.31 25.45
C GLY C 44 17.48 9.05 24.19
N HIS C 45 17.52 9.99 23.24
CA HIS C 45 16.63 9.95 22.11
C HIS C 45 16.89 8.72 21.26
N LYS C 46 15.82 8.02 20.92
CA LYS C 46 15.93 6.77 20.19
C LYS C 46 16.65 6.95 18.84
N ALA C 47 16.50 8.10 18.19
CA ALA C 47 17.20 8.38 16.90
C ALA C 47 18.72 8.39 17.02
N GLY C 48 19.19 8.43 18.26
CA GLY C 48 20.59 8.61 18.53
C GLY C 48 21.27 7.28 18.59
N ARG C 49 20.50 6.21 18.69
CA ARG C 49 20.99 4.86 18.60
C ARG C 49 21.24 4.53 17.11
N LEU C 50 22.10 3.56 16.86
CA LEU C 50 22.34 3.09 15.53
C LEU C 50 21.10 2.29 15.05
N HIS C 51 20.58 2.65 13.89
CA HIS C 51 19.38 1.94 13.42
C HIS C 51 19.31 2.06 11.90
N GLY C 52 18.12 1.89 11.30
CA GLY C 52 18.04 1.86 9.86
C GLY C 52 16.61 1.95 9.37
N HIS C 53 16.45 2.05 8.05
CA HIS C 53 15.15 2.28 7.46
C HIS C 53 15.20 1.74 6.04
N SER C 54 14.03 1.32 5.55
CA SER C 54 13.76 1.34 4.11
C SER C 54 13.41 2.74 3.74
N PHE C 55 14.31 3.45 3.11
CA PHE C 55 14.07 4.85 2.79
C PHE C 55 13.42 4.94 1.42
N MET C 56 12.42 5.78 1.26
CA MET C 56 11.83 5.94 -0.05
C MET C 56 12.26 7.34 -0.62
N VAL C 57 12.74 7.42 -1.87
CA VAL C 57 12.93 8.72 -2.49
C VAL C 57 12.16 8.92 -3.77
N ARG C 58 11.48 10.04 -3.88
CA ARG C 58 10.83 10.40 -5.10
C ARG C 58 11.67 11.50 -5.71
N LEU C 59 12.02 11.35 -6.99
CA LEU C 59 12.50 12.48 -7.78
C LEU C 59 11.40 12.99 -8.64
N GLU C 60 11.27 14.30 -8.66
CA GLU C 60 10.25 14.93 -9.44
C GLU C 60 10.91 15.91 -10.42
N ILE C 61 10.50 15.88 -11.69
CA ILE C 61 11.03 16.83 -12.67
C ILE C 61 9.91 17.53 -13.42
N THR C 62 10.19 18.73 -13.91
CA THR C 62 9.16 19.58 -14.53
C THR C 62 9.72 20.16 -15.78
N GLY C 63 9.01 20.00 -16.89
CA GLY C 63 9.42 20.62 -18.13
C GLY C 63 8.45 20.36 -19.29
N GLU C 64 8.97 20.53 -20.51
CA GLU C 64 8.13 20.45 -21.66
C GLU C 64 8.16 19.04 -22.19
N VAL C 65 7.02 18.64 -22.70
CA VAL C 65 6.88 17.37 -23.35
C VAL C 65 7.27 17.51 -24.83
N ASP C 66 8.24 16.72 -25.27
CA ASP C 66 8.64 16.65 -26.68
C ASP C 66 7.45 16.09 -27.47
N PRO C 67 7.08 16.80 -28.55
CA PRO C 67 5.97 16.43 -29.46
C PRO C 67 6.16 15.03 -30.08
N HIS C 68 7.38 14.69 -30.49
CA HIS C 68 7.71 13.38 -30.98
C HIS C 68 7.80 12.25 -29.90
N THR C 69 8.61 12.38 -28.84
CA THR C 69 8.72 11.28 -27.84
C THR C 69 7.44 11.10 -26.99
N GLY C 70 6.68 12.18 -26.82
CA GLY C 70 5.53 12.14 -25.95
C GLY C 70 5.88 12.21 -24.48
N TRP C 71 7.12 12.53 -24.18
CA TRP C 71 7.56 12.65 -22.79
C TRP C 71 8.53 13.80 -22.47
N ILE C 72 8.75 14.04 -21.18
CA ILE C 72 9.79 14.98 -20.75
C ILE C 72 11.12 14.24 -20.92
N ILE C 73 11.37 13.20 -20.15
CA ILE C 73 12.44 12.29 -20.50
C ILE C 73 11.96 10.89 -20.17
N ASP C 74 12.69 9.88 -20.62
CA ASP C 74 12.34 8.52 -20.32
C ASP C 74 12.49 8.31 -18.85
N PHE C 75 11.47 7.77 -18.21
CA PHE C 75 11.69 7.17 -16.88
C PHE C 75 13.03 6.42 -16.69
N ALA C 76 13.43 5.62 -17.66
CA ALA C 76 14.68 4.87 -17.51
C ALA C 76 15.88 5.81 -17.51
N GLU C 77 15.78 6.93 -18.25
CA GLU C 77 16.84 7.95 -18.24
C GLU C 77 17.03 8.57 -16.82
N LEU C 78 15.95 9.04 -16.23
CA LEU C 78 15.99 9.46 -14.83
C LEU C 78 16.51 8.38 -13.85
N LYS C 79 16.07 7.12 -13.97
CA LYS C 79 16.64 6.01 -13.19
C LYS C 79 18.15 5.95 -13.39
N ALA C 80 18.64 6.17 -14.60
CA ALA C 80 20.11 6.08 -14.89
C ALA C 80 20.93 7.24 -14.30
N ALA C 81 20.31 8.43 -14.27
CA ALA C 81 21.03 9.61 -13.75
C ALA C 81 21.19 9.52 -12.23
N PHE C 82 20.23 8.85 -11.61
CA PHE C 82 20.22 8.71 -10.16
C PHE C 82 21.07 7.53 -9.69
N LYS C 83 21.29 6.54 -10.56
CA LYS C 83 22.01 5.34 -10.14
C LYS C 83 23.37 5.56 -9.39
N PRO C 84 24.31 6.34 -9.95
CA PRO C 84 25.56 6.46 -9.08
C PRO C 84 25.31 6.95 -7.66
N THR C 85 24.35 7.86 -7.50
CA THR C 85 23.99 8.33 -6.16
C THR C 85 23.25 7.25 -5.37
N TYR C 86 22.29 6.60 -6.02
CA TYR C 86 21.60 5.50 -5.43
C TYR C 86 22.54 4.43 -4.90
N GLU C 87 23.64 4.13 -5.59
CA GLU C 87 24.56 3.03 -5.22
C GLU C 87 25.34 3.35 -3.97
N ARG C 88 25.54 4.66 -3.76
CA ARG C 88 26.22 5.17 -2.59
C ARG C 88 25.34 5.10 -1.32
N LEU C 89 24.01 5.25 -1.50
CA LEU C 89 23.06 5.12 -0.41
C LEU C 89 22.62 3.69 -0.11
N ASP C 90 22.40 2.85 -1.12
CA ASP C 90 21.85 1.52 -0.84
C ASP C 90 22.78 0.55 -0.16
N HIS C 91 22.24 -0.10 0.86
CA HIS C 91 22.96 -1.02 1.69
C HIS C 91 24.23 -0.39 2.20
N HIS C 92 24.10 0.79 2.78
CA HIS C 92 25.26 1.49 3.31
C HIS C 92 24.91 2.21 4.61
N TYR C 93 25.93 2.71 5.28
CA TYR C 93 25.81 3.44 6.52
C TYR C 93 25.91 4.91 6.17
N LEU C 94 24.81 5.66 6.26
CA LEU C 94 24.80 7.02 5.72
C LEU C 94 25.86 7.96 6.34
N ASN C 95 26.11 7.81 7.65
CA ASN C 95 26.95 8.72 8.44
C ASN C 95 28.37 8.78 7.88
N ASP C 96 28.77 7.78 7.13
CA ASP C 96 30.12 7.77 6.56
C ASP C 96 30.22 8.42 5.19
N ILE C 97 29.07 8.80 4.63
CA ILE C 97 29.06 9.60 3.45
C ILE C 97 29.21 11.09 3.82
N PRO C 98 30.29 11.74 3.31
CA PRO C 98 30.53 13.20 3.43
C PRO C 98 29.29 13.95 3.04
N GLY C 99 28.96 14.96 3.86
CA GLY C 99 27.77 15.74 3.72
C GLY C 99 26.62 15.08 4.45
N LEU C 100 26.71 13.82 4.77
CA LEU C 100 25.60 13.25 5.54
C LEU C 100 25.97 12.98 7.01
N GLU C 101 26.93 13.68 7.58
CA GLU C 101 27.25 13.41 9.00
C GLU C 101 26.04 13.53 9.95
N ASN C 102 25.01 14.25 9.53
CA ASN C 102 23.81 14.44 10.34
C ASN C 102 22.65 14.12 9.44
N PRO C 103 22.34 12.82 9.32
CA PRO C 103 21.49 12.45 8.19
C PRO C 103 20.02 12.37 8.56
N THR C 104 19.43 13.52 8.84
CA THR C 104 17.98 13.57 8.97
C THR C 104 17.37 13.55 7.56
N SER C 105 16.06 13.40 7.49
CA SER C 105 15.34 13.46 6.24
C SER C 105 15.60 14.77 5.52
N GLU C 106 15.50 15.86 6.28
CA GLU C 106 15.74 17.19 5.70
C GLU C 106 17.13 17.27 5.04
N VAL C 107 18.15 16.75 5.74
CA VAL C 107 19.52 16.93 5.24
C VAL C 107 19.75 16.03 4.03
N LEU C 108 19.12 14.88 4.04
CA LEU C 108 19.30 13.90 3.01
C LEU C 108 18.59 14.33 1.73
N ALA C 109 17.39 14.89 1.85
CA ALA C 109 16.71 15.38 0.70
C ALA C 109 17.45 16.54 0.02
N LYS C 110 17.99 17.49 0.81
CA LYS C 110 18.84 18.51 0.26
C LYS C 110 20.09 17.84 -0.32
N TRP C 111 20.64 16.85 0.36
CA TRP C 111 21.89 16.25 -0.15
C TRP C 111 21.65 15.57 -1.49
N ILE C 112 20.56 14.84 -1.63
CA ILE C 112 20.23 14.18 -2.88
C ILE C 112 19.95 15.22 -4.00
N TRP C 113 19.17 16.25 -3.69
CA TRP C 113 18.99 17.35 -4.62
C TRP C 113 20.34 17.76 -5.13
N ASP C 114 21.26 18.04 -4.20
CA ASP C 114 22.58 18.53 -4.55
C ASP C 114 23.38 17.58 -5.42
N GLN C 115 23.22 16.27 -5.23
CA GLN C 115 23.88 15.30 -6.12
C GLN C 115 23.16 15.16 -7.47
N VAL C 116 21.86 15.41 -7.49
CA VAL C 116 21.10 15.04 -8.64
C VAL C 116 20.81 16.20 -9.57
N LYS C 117 20.64 17.41 -8.98
CA LYS C 117 20.44 18.59 -9.80
C LYS C 117 21.42 18.77 -11.00
N PRO C 118 22.75 18.69 -10.76
CA PRO C 118 23.72 18.89 -11.86
C PRO C 118 23.50 17.93 -13.00
N VAL C 119 23.03 16.73 -12.72
CA VAL C 119 22.80 15.79 -13.83
C VAL C 119 21.34 15.73 -14.29
N VAL C 120 20.40 16.33 -13.54
CA VAL C 120 19.03 16.44 -13.98
C VAL C 120 18.53 17.88 -13.84
N PRO C 121 18.85 18.76 -14.79
CA PRO C 121 18.50 20.16 -14.64
C PRO C 121 17.02 20.43 -14.48
N LEU C 122 16.17 19.48 -14.86
CA LEU C 122 14.71 19.68 -14.73
C LEU C 122 14.14 19.28 -13.37
N LEU C 123 15.01 18.78 -12.48
CA LEU C 123 14.64 18.41 -11.15
C LEU C 123 13.92 19.57 -10.48
N SER C 124 12.69 19.33 -10.01
CA SER C 124 11.94 20.33 -9.27
C SER C 124 11.60 19.92 -7.79
N ALA C 125 11.76 18.65 -7.43
CA ALA C 125 11.54 18.26 -6.02
C ALA C 125 12.22 16.95 -5.74
N VAL C 126 12.70 16.81 -4.50
CA VAL C 126 13.14 15.53 -3.94
C VAL C 126 12.37 15.28 -2.65
N MET C 127 11.65 14.17 -2.56
CA MET C 127 11.00 13.77 -1.31
C MET C 127 11.70 12.60 -0.67
N VAL C 128 11.89 12.68 0.65
CA VAL C 128 12.48 11.56 1.33
C VAL C 128 11.53 11.07 2.41
N LYS C 129 11.37 9.75 2.47
CA LYS C 129 10.53 9.14 3.47
C LYS C 129 11.31 8.13 4.21
N GLU C 130 11.38 8.28 5.53
CA GLU C 130 12.13 7.32 6.34
C GLU C 130 11.28 6.16 6.75
N THR C 131 10.06 6.45 7.18
CA THR C 131 9.17 5.41 7.58
C THR C 131 7.99 5.55 6.68
N CYS C 132 7.03 4.65 6.84
CA CYS C 132 5.85 4.67 6.03
C CYS C 132 4.99 5.95 6.16
N THR C 133 5.08 6.61 7.31
CA THR C 133 4.14 7.65 7.68
C THR C 133 4.77 9.06 7.92
N ALA C 134 6.04 9.25 7.62
CA ALA C 134 6.74 10.51 7.86
C ALA C 134 7.80 10.78 6.78
N GLY C 135 7.80 12.01 6.28
CA GLY C 135 8.80 12.41 5.31
C GLY C 135 9.02 13.88 5.16
N CYS C 136 9.73 14.19 4.11
CA CYS C 136 10.24 15.49 3.86
C CYS C 136 10.25 15.81 2.37
N ILE C 137 9.91 17.03 2.02
CA ILE C 137 10.00 17.39 0.64
C ILE C 137 10.86 18.62 0.51
N TYR C 138 11.89 18.52 -0.31
CA TYR C 138 12.77 19.62 -0.54
C TYR C 138 12.67 20.08 -1.96
N ARG C 139 12.49 21.38 -2.12
CA ARG C 139 12.38 21.90 -3.47
C ARG C 139 13.23 23.12 -3.83
N GLY C 140 14.52 23.14 -3.46
CA GLY C 140 15.45 24.18 -3.93
C GLY C 140 15.61 25.48 -3.11
N SER D 23 -3.80 -28.34 -6.40
CA SER D 23 -4.76 -27.46 -5.66
C SER D 23 -4.66 -25.94 -5.99
N THR D 24 -5.84 -25.35 -6.28
CA THR D 24 -5.92 -23.94 -6.64
C THR D 24 -6.93 -23.15 -5.83
N THR D 25 -6.46 -22.02 -5.34
CA THR D 25 -7.24 -21.16 -4.55
C THR D 25 -7.28 -19.84 -5.27
N LEU D 26 -8.45 -19.20 -5.26
CA LEU D 26 -8.73 -17.90 -5.86
C LEU D 26 -9.17 -17.00 -4.74
N PHE D 27 -8.97 -15.69 -4.88
CA PHE D 27 -9.53 -14.80 -3.89
C PHE D 27 -9.91 -13.47 -4.49
N LYS D 28 -10.91 -12.82 -3.88
CA LYS D 28 -11.27 -11.42 -4.17
C LYS D 28 -11.44 -10.57 -2.88
N ASP D 29 -10.88 -9.36 -2.88
CA ASP D 29 -10.94 -8.43 -1.77
C ASP D 29 -12.00 -7.36 -2.01
N PHE D 30 -12.60 -6.89 -0.91
CA PHE D 30 -13.62 -5.88 -0.95
C PHE D 30 -13.38 -5.00 0.22
N THR D 31 -13.73 -3.72 0.10
CA THR D 31 -13.74 -2.92 1.28
C THR D 31 -15.12 -2.25 1.48
N PHE D 32 -15.47 -2.05 2.75
CA PHE D 32 -16.73 -1.43 3.06
C PHE D 32 -16.54 -0.53 4.25
N GLU D 33 -17.36 0.54 4.31
CA GLU D 33 -17.20 1.59 5.29
C GLU D 33 -18.34 1.46 6.29
N ALA D 34 -18.01 1.28 7.55
CA ALA D 34 -19.07 1.01 8.49
C ALA D 34 -18.81 1.52 9.90
N ALA D 35 -19.87 1.56 10.68
CA ALA D 35 -19.83 1.90 12.08
C ALA D 35 -20.11 0.67 12.92
N HIS D 36 -19.59 0.69 14.13
CA HIS D 36 -19.85 -0.41 15.08
C HIS D 36 -19.45 0.01 16.47
N ARG D 37 -19.84 -0.80 17.44
CA ARG D 37 -19.43 -0.56 18.83
C ARG D 37 -19.36 -1.91 19.50
N LEU D 38 -18.39 -2.15 20.37
CA LEU D 38 -18.33 -3.44 21.07
C LEU D 38 -19.02 -3.37 22.44
N PRO D 39 -20.12 -4.16 22.66
CA PRO D 39 -20.90 -3.96 23.89
C PRO D 39 -20.39 -4.68 25.14
N HIS D 40 -19.52 -5.67 24.97
CA HIS D 40 -19.06 -6.46 26.12
C HIS D 40 -17.64 -6.17 26.53
N VAL D 41 -17.09 -5.04 26.10
CA VAL D 41 -15.72 -4.70 26.53
C VAL D 41 -15.75 -3.96 27.87
N PRO D 42 -14.63 -4.01 28.59
CA PRO D 42 -14.60 -3.27 29.86
C PRO D 42 -14.95 -1.78 29.73
N GLU D 43 -15.57 -1.28 30.80
CA GLU D 43 -15.88 0.14 31.00
C GLU D 43 -14.73 1.05 30.54
N GLY D 44 -15.05 1.85 29.53
CA GLY D 44 -14.15 2.86 29.02
C GLY D 44 -13.10 2.36 28.06
N HIS D 45 -13.17 1.07 27.71
CA HIS D 45 -12.40 0.56 26.59
C HIS D 45 -12.82 1.36 25.31
N LYS D 46 -11.83 1.83 24.57
CA LYS D 46 -12.05 2.63 23.36
C LYS D 46 -12.99 2.00 22.31
N ALA D 47 -13.06 0.69 22.28
CA ALA D 47 -13.94 -0.03 21.38
C ALA D 47 -15.40 -0.03 21.77
N GLY D 48 -15.69 0.42 22.99
CA GLY D 48 -17.05 0.41 23.53
C GLY D 48 -17.77 1.70 23.17
N ARG D 49 -17.06 2.68 22.64
CA ARG D 49 -17.63 3.93 22.16
C ARG D 49 -17.98 3.69 20.69
N LEU D 50 -19.01 4.39 20.22
CA LEU D 50 -19.41 4.35 18.85
C LEU D 50 -18.24 4.84 17.96
N HIS D 51 -17.86 4.05 16.98
CA HIS D 51 -16.73 4.40 16.09
C HIS D 51 -16.86 3.65 14.75
N GLY D 52 -15.80 3.52 13.98
CA GLY D 52 -15.96 2.94 12.65
C GLY D 52 -14.64 2.59 12.04
N HIS D 53 -14.67 1.94 10.88
CA HIS D 53 -13.48 1.51 10.13
C HIS D 53 -13.86 1.37 8.69
N SER D 54 -12.84 1.45 7.86
CA SER D 54 -12.86 0.93 6.49
C SER D 54 -12.45 -0.52 6.59
N PHE D 55 -13.42 -1.43 6.49
CA PHE D 55 -13.16 -2.86 6.65
C PHE D 55 -12.76 -3.52 5.32
N MET D 56 -11.84 -4.45 5.39
CA MET D 56 -11.33 -5.15 4.25
C MET D 56 -11.86 -6.57 4.43
N VAL D 57 -12.56 -7.09 3.44
CA VAL D 57 -12.82 -8.50 3.46
C VAL D 57 -12.31 -9.20 2.27
N ARG D 58 -11.74 -10.36 2.55
CA ARG D 58 -11.21 -11.20 1.49
C ARG D 58 -11.98 -12.53 1.51
N LEU D 59 -12.56 -12.88 0.34
CA LEU D 59 -13.21 -14.18 0.15
C LEU D 59 -12.27 -15.08 -0.61
N GLU D 60 -12.06 -16.28 -0.10
CA GLU D 60 -11.10 -17.16 -0.72
C GLU D 60 -11.89 -18.42 -1.11
N ILE D 61 -11.69 -18.92 -2.33
CA ILE D 61 -12.36 -20.14 -2.70
C ILE D 61 -11.41 -21.17 -3.30
N THR D 62 -11.67 -22.46 -3.02
CA THR D 62 -10.80 -23.53 -3.45
C THR D 62 -11.61 -24.48 -4.35
N GLY D 63 -11.00 -24.99 -5.44
CA GLY D 63 -11.72 -25.87 -6.37
C GLY D 63 -11.01 -26.07 -7.68
N GLU D 64 -11.61 -26.86 -8.58
CA GLU D 64 -10.90 -27.36 -9.78
C GLU D 64 -10.95 -26.29 -10.81
N VAL D 65 -9.97 -26.26 -11.67
CA VAL D 65 -9.93 -25.25 -12.73
C VAL D 65 -10.59 -25.92 -13.96
N ASP D 66 -11.58 -25.29 -14.58
CA ASP D 66 -12.20 -25.92 -15.75
C ASP D 66 -11.23 -25.94 -16.97
N PRO D 67 -11.05 -27.11 -17.65
CA PRO D 67 -10.02 -27.05 -18.73
C PRO D 67 -10.35 -25.99 -19.76
N HIS D 68 -11.65 -25.77 -20.03
CA HIS D 68 -12.01 -24.87 -21.10
C HIS D 68 -11.91 -23.37 -20.75
N THR D 69 -12.61 -22.96 -19.69
CA THR D 69 -12.72 -21.55 -19.32
C THR D 69 -11.42 -21.08 -18.68
N GLY D 70 -10.68 -22.01 -18.05
CA GLY D 70 -9.35 -21.70 -17.51
C GLY D 70 -9.44 -21.13 -16.09
N TRP D 71 -10.61 -21.19 -15.49
CA TRP D 71 -10.78 -20.61 -14.21
C TRP D 71 -11.66 -21.47 -13.30
N ILE D 72 -11.55 -21.23 -12.00
CA ILE D 72 -12.49 -21.86 -11.10
C ILE D 72 -13.88 -21.20 -11.25
N ILE D 73 -13.94 -19.87 -11.11
CA ILE D 73 -15.21 -19.18 -11.25
C ILE D 73 -14.81 -17.78 -11.63
N ASP D 74 -15.60 -17.10 -12.45
CA ASP D 74 -15.24 -15.76 -12.87
C ASP D 74 -15.14 -14.90 -11.61
N PHE D 75 -14.07 -14.12 -11.44
CA PHE D 75 -14.08 -13.06 -10.40
C PHE D 75 -15.39 -12.27 -10.30
N ALA D 76 -15.91 -11.81 -11.45
CA ALA D 76 -17.14 -11.01 -11.48
C ALA D 76 -18.29 -11.81 -10.82
N GLU D 77 -18.16 -13.14 -10.81
CA GLU D 77 -19.24 -14.00 -10.35
C GLU D 77 -19.15 -14.14 -8.82
N LEU D 78 -17.92 -14.11 -8.32
CA LEU D 78 -17.68 -14.03 -6.89
C LEU D 78 -18.16 -12.69 -6.26
N LYS D 79 -17.88 -11.58 -6.95
CA LYS D 79 -18.35 -10.26 -6.56
C LYS D 79 -19.88 -10.25 -6.50
N ALA D 80 -20.53 -10.66 -7.59
CA ALA D 80 -21.99 -10.74 -7.63
C ALA D 80 -22.61 -11.62 -6.51
N ALA D 81 -21.95 -12.69 -6.12
CA ALA D 81 -22.52 -13.51 -5.07
C ALA D 81 -22.44 -12.82 -3.70
N PHE D 82 -21.46 -11.98 -3.54
CA PHE D 82 -21.22 -11.35 -2.26
C PHE D 82 -22.04 -10.06 -2.14
N LYS D 83 -22.39 -9.52 -3.29
CA LYS D 83 -23.03 -8.26 -3.37
C LYS D 83 -24.20 -8.08 -2.37
N PRO D 84 -25.17 -9.01 -2.26
CA PRO D 84 -26.24 -8.60 -1.31
C PRO D 84 -25.75 -8.42 0.18
N THR D 85 -24.80 -9.26 0.59
CA THR D 85 -24.19 -9.14 1.90
C THR D 85 -23.41 -7.86 1.99
N TYR D 86 -22.68 -7.54 0.94
CA TYR D 86 -21.96 -6.31 0.84
C TYR D 86 -22.90 -5.10 1.06
N GLU D 87 -24.11 -5.09 0.46
CA GLU D 87 -25.00 -3.89 0.50
C GLU D 87 -25.40 -3.63 1.94
N ARG D 88 -25.55 -4.72 2.68
CA ARG D 88 -26.09 -4.72 3.97
C ARG D 88 -25.06 -4.19 4.94
N LEU D 89 -23.76 -4.34 4.62
CA LEU D 89 -22.65 -3.93 5.48
C LEU D 89 -22.16 -2.54 5.15
N ASP D 90 -22.14 -2.17 3.88
CA ASP D 90 -21.42 -0.97 3.50
C ASP D 90 -22.27 0.24 3.81
N HIS D 91 -21.63 1.26 4.38
CA HIS D 91 -22.28 2.47 4.80
C HIS D 91 -23.41 2.18 5.77
N HIS D 92 -23.21 1.18 6.63
CA HIS D 92 -24.19 0.90 7.66
C HIS D 92 -23.57 0.87 9.07
N TYR D 93 -24.41 0.66 10.08
CA TYR D 93 -24.06 0.48 11.45
C TYR D 93 -24.24 -1.03 11.72
N LEU D 94 -23.14 -1.73 11.95
CA LEU D 94 -23.18 -3.19 12.05
C LEU D 94 -24.04 -3.75 13.22
N ASN D 95 -24.01 -3.11 14.38
CA ASN D 95 -24.75 -3.65 15.54
C ASN D 95 -26.24 -3.84 15.26
N ASP D 96 -26.77 -3.11 14.30
CA ASP D 96 -28.17 -3.23 13.90
C ASP D 96 -28.45 -4.39 12.97
N ILE D 97 -27.41 -5.16 12.63
CA ILE D 97 -27.66 -6.34 11.82
C ILE D 97 -27.78 -7.63 12.68
N PRO D 98 -28.86 -8.39 12.48
CA PRO D 98 -29.03 -9.64 13.28
C PRO D 98 -27.81 -10.55 13.09
N GLY D 99 -27.26 -11.04 14.20
CA GLY D 99 -26.04 -11.83 14.21
C GLY D 99 -24.77 -11.01 14.46
N LEU D 100 -24.85 -9.69 14.24
CA LEU D 100 -23.73 -8.76 14.46
C LEU D 100 -23.91 -7.91 15.71
N GLU D 101 -24.79 -8.30 16.62
CA GLU D 101 -24.96 -7.46 17.81
C GLU D 101 -23.68 -7.35 18.67
N ASN D 102 -22.74 -8.30 18.49
CA ASN D 102 -21.34 -8.19 18.99
C ASN D 102 -20.28 -8.22 17.84
N PRO D 103 -20.14 -7.11 17.12
CA PRO D 103 -19.49 -7.16 15.81
C PRO D 103 -17.94 -7.05 15.87
N THR D 104 -17.32 -8.04 16.51
CA THR D 104 -15.84 -8.09 16.54
C THR D 104 -15.48 -8.65 15.20
N SER D 105 -14.17 -8.69 14.95
CA SER D 105 -13.66 -9.12 13.67
C SER D 105 -13.95 -10.58 13.48
N GLU D 106 -13.79 -11.34 14.56
CA GLU D 106 -14.02 -12.78 14.54
C GLU D 106 -15.50 -13.14 14.31
N VAL D 107 -16.43 -12.43 14.95
CA VAL D 107 -17.84 -12.69 14.75
C VAL D 107 -18.19 -12.26 13.33
N LEU D 108 -17.68 -11.10 12.90
CA LEU D 108 -17.93 -10.62 11.54
C LEU D 108 -17.50 -11.64 10.46
N ALA D 109 -16.35 -12.28 10.65
CA ALA D 109 -15.84 -13.17 9.63
C ALA D 109 -16.66 -14.44 9.57
N LYS D 110 -17.05 -14.95 10.74
CA LYS D 110 -17.94 -16.09 10.78
C LYS D 110 -19.30 -15.78 10.15
N TRP D 111 -19.84 -14.60 10.47
CA TRP D 111 -21.14 -14.19 9.97
C TRP D 111 -21.05 -14.11 8.45
N ILE D 112 -20.02 -13.49 7.93
CA ILE D 112 -19.89 -13.41 6.48
C ILE D 112 -19.80 -14.81 5.88
N TRP D 113 -19.00 -15.68 6.47
CA TRP D 113 -18.92 -17.10 6.03
C TRP D 113 -20.30 -17.70 5.96
N ASP D 114 -21.06 -17.53 7.03
CA ASP D 114 -22.37 -18.15 7.07
C ASP D 114 -23.28 -17.58 5.99
N GLN D 115 -23.07 -16.34 5.56
CA GLN D 115 -24.04 -15.72 4.65
C GLN D 115 -23.69 -16.12 3.24
N VAL D 116 -22.39 -16.32 3.00
CA VAL D 116 -21.84 -16.50 1.68
C VAL D 116 -21.60 -17.98 1.35
N LYS D 117 -21.20 -18.81 2.31
CA LYS D 117 -20.98 -20.25 2.05
C LYS D 117 -22.14 -20.88 1.28
N PRO D 118 -23.40 -20.59 1.64
CA PRO D 118 -24.50 -21.26 0.94
C PRO D 118 -24.60 -20.90 -0.53
N VAL D 119 -24.21 -19.67 -0.90
CA VAL D 119 -24.20 -19.28 -2.32
C VAL D 119 -22.80 -19.34 -2.95
N VAL D 120 -21.78 -19.69 -2.17
CA VAL D 120 -20.49 -19.97 -2.78
C VAL D 120 -19.93 -21.20 -2.12
N PRO D 121 -20.45 -22.35 -2.54
CA PRO D 121 -20.17 -23.58 -1.82
C PRO D 121 -18.70 -23.93 -1.85
N LEU D 122 -17.94 -23.38 -2.78
CA LEU D 122 -16.49 -23.55 -2.79
C LEU D 122 -15.68 -22.62 -1.79
N LEU D 123 -16.35 -21.71 -1.09
CA LEU D 123 -15.66 -20.88 -0.09
C LEU D 123 -14.82 -21.68 0.87
N SER D 124 -13.58 -21.26 1.05
CA SER D 124 -12.68 -21.99 1.96
C SER D 124 -12.03 -21.03 2.95
N ALA D 125 -12.17 -19.72 2.73
CA ALA D 125 -11.77 -18.78 3.78
C ALA D 125 -12.45 -17.45 3.65
N VAL D 126 -12.64 -16.81 4.81
CA VAL D 126 -13.02 -15.42 4.86
C VAL D 126 -12.08 -14.69 5.80
N MET D 127 -11.47 -13.61 5.29
CA MET D 127 -10.66 -12.71 6.08
C MET D 127 -11.27 -11.33 6.27
N VAL D 128 -11.30 -10.92 7.53
CA VAL D 128 -11.69 -9.58 7.91
C VAL D 128 -10.52 -8.78 8.50
N LYS D 129 -10.21 -7.62 7.91
CA LYS D 129 -9.28 -6.66 8.52
C LYS D 129 -10.06 -5.44 8.90
N GLU D 130 -9.95 -5.06 10.17
CA GLU D 130 -10.54 -3.83 10.68
C GLU D 130 -9.65 -2.61 10.35
N THR D 131 -8.34 -2.79 10.39
CA THR D 131 -7.43 -1.68 10.23
C THR D 131 -6.37 -2.19 9.30
N CYS D 132 -5.41 -1.35 8.91
CA CYS D 132 -4.40 -1.86 7.99
C CYS D 132 -3.51 -2.93 8.68
N THR D 133 -3.50 -2.99 10.02
CA THR D 133 -2.54 -3.81 10.74
C THR D 133 -3.11 -5.01 11.51
N ALA D 134 -4.40 -5.25 11.41
CA ALA D 134 -5.00 -6.22 12.31
C ALA D 134 -6.22 -6.94 11.72
N GLY D 135 -6.17 -8.26 11.66
CA GLY D 135 -7.35 -8.96 11.29
C GLY D 135 -7.53 -10.38 11.73
N CYS D 136 -8.35 -11.05 10.97
CA CYS D 136 -8.86 -12.27 11.39
C CYS D 136 -9.12 -13.11 10.16
N ILE D 137 -8.90 -14.41 10.27
CA ILE D 137 -9.26 -15.33 9.20
C ILE D 137 -10.07 -16.49 9.75
N TYR D 138 -11.27 -16.70 9.21
CA TYR D 138 -12.12 -17.82 9.51
C TYR D 138 -12.18 -18.84 8.36
N ARG D 139 -12.16 -20.13 8.70
CA ARG D 139 -12.28 -21.19 7.68
C ARG D 139 -13.31 -22.31 8.03
N GLY D 140 -13.20 -23.54 7.49
CA GLY D 140 -14.22 -24.64 7.75
C GLY D 140 -15.20 -24.38 8.94
N SER E 23 -11.73 -23.38 12.56
CA SER E 23 -10.80 -22.50 13.33
C SER E 23 -10.71 -21.02 12.81
N THR E 24 -10.18 -20.19 13.71
CA THR E 24 -10.12 -18.76 13.55
C THR E 24 -8.72 -18.36 13.94
N THR E 25 -8.09 -17.61 13.04
CA THR E 25 -6.80 -17.04 13.28
C THR E 25 -6.91 -15.52 13.42
N LEU E 26 -6.07 -14.95 14.27
CA LEU E 26 -5.96 -13.51 14.46
C LEU E 26 -4.58 -13.16 14.11
N PHE E 27 -4.40 -11.95 13.57
CA PHE E 27 -3.05 -11.47 13.35
C PHE E 27 -2.96 -9.98 13.61
N LYS E 28 -1.79 -9.53 14.06
CA LYS E 28 -1.47 -8.13 14.21
C LYS E 28 -0.06 -7.88 13.59
N ASP E 29 0.07 -6.77 12.88
CA ASP E 29 1.29 -6.34 12.26
C ASP E 29 1.99 -5.22 13.03
N PHE E 30 3.33 -5.25 13.03
CA PHE E 30 4.15 -4.23 13.64
C PHE E 30 5.27 -3.91 12.67
N THR E 31 5.81 -2.69 12.73
CA THR E 31 6.99 -2.40 11.96
C THR E 31 8.02 -1.74 12.89
N PHE E 32 9.28 -2.15 12.78
CA PHE E 32 10.33 -1.51 13.57
C PHE E 32 11.49 -1.14 12.65
N GLU E 33 12.34 -0.20 13.08
CA GLU E 33 13.36 0.38 12.22
C GLU E 33 14.70 0.03 12.82
N ALA E 34 15.50 -0.72 12.08
CA ALA E 34 16.72 -1.24 12.70
C ALA E 34 17.85 -1.43 11.72
N ALA E 35 19.05 -1.61 12.26
CA ALA E 35 20.17 -1.82 11.44
C ALA E 35 20.58 -3.23 11.63
N HIS E 36 21.33 -3.75 10.68
CA HIS E 36 21.94 -5.09 10.81
C HIS E 36 22.95 -5.30 9.74
N ARG E 37 23.67 -6.40 9.84
CA ARG E 37 24.68 -6.74 8.89
C ARG E 37 24.74 -8.25 8.86
N LEU E 38 24.96 -8.83 7.71
CA LEU E 38 25.09 -10.31 7.64
C LEU E 38 26.54 -10.71 7.62
N PRO E 39 26.97 -11.50 8.61
CA PRO E 39 28.39 -11.75 8.84
C PRO E 39 28.94 -12.87 8.00
N HIS E 40 28.08 -13.74 7.50
CA HIS E 40 28.55 -14.96 6.81
C HIS E 40 28.35 -15.01 5.31
N VAL E 41 28.20 -13.84 4.70
CA VAL E 41 27.94 -13.81 3.24
C VAL E 41 29.27 -13.62 2.55
N PRO E 42 29.34 -13.97 1.26
CA PRO E 42 30.68 -13.77 0.61
C PRO E 42 31.18 -12.31 0.63
N GLU E 43 32.50 -12.15 0.57
CA GLU E 43 33.21 -10.84 0.56
C GLU E 43 32.52 -9.66 -0.14
N GLY E 44 32.19 -9.74 -1.41
CA GLY E 44 31.61 -8.52 -1.99
C GLY E 44 30.15 -8.19 -1.61
N HIS E 45 29.50 -9.10 -0.89
CA HIS E 45 28.03 -9.12 -0.87
C HIS E 45 27.42 -7.94 -0.09
N LYS E 46 26.44 -7.30 -0.71
CA LYS E 46 25.90 -6.01 -0.24
C LYS E 46 25.29 -6.14 1.17
N ALA E 47 24.98 -7.36 1.56
CA ALA E 47 24.35 -7.62 2.84
C ALA E 47 25.40 -7.74 3.93
N GLY E 48 26.66 -7.92 3.53
CA GLY E 48 27.80 -7.83 4.44
C GLY E 48 28.13 -6.45 4.92
N ARG E 49 27.62 -5.40 4.29
CA ARG E 49 27.81 -4.03 4.77
C ARG E 49 26.78 -3.64 5.84
N LEU E 50 27.20 -2.86 6.83
CA LEU E 50 26.28 -2.25 7.74
C LEU E 50 25.15 -1.60 6.97
N HIS E 51 23.91 -2.00 7.29
CA HIS E 51 22.74 -1.37 6.65
C HIS E 51 21.51 -1.51 7.52
N GLY E 52 20.33 -1.23 7.01
CA GLY E 52 19.19 -1.30 7.88
C GLY E 52 17.98 -1.47 7.03
N HIS E 53 16.82 -1.65 7.67
CA HIS E 53 15.56 -1.87 6.99
C HIS E 53 14.45 -1.36 7.84
N SER E 54 13.27 -1.12 7.23
CA SER E 54 12.00 -1.02 7.99
C SER E 54 11.44 -2.45 8.04
N PHE E 55 11.51 -3.10 9.21
CA PHE E 55 11.17 -4.50 9.25
C PHE E 55 9.74 -4.59 9.53
N MET E 56 9.10 -5.62 9.00
CA MET E 56 7.70 -5.82 9.33
C MET E 56 7.54 -7.21 9.99
N VAL E 57 6.83 -7.23 11.12
CA VAL E 57 6.49 -8.49 11.74
C VAL E 57 5.02 -8.67 11.89
N ARG E 58 4.57 -9.85 11.48
CA ARG E 58 3.20 -10.24 11.69
C ARG E 58 3.25 -11.34 12.74
N LEU E 59 2.40 -11.21 13.78
CA LEU E 59 2.22 -12.29 14.75
C LEU E 59 0.85 -12.90 14.49
N GLU E 60 0.82 -14.22 14.43
CA GLU E 60 -0.39 -14.92 14.12
C GLU E 60 -0.71 -15.87 15.30
N ILE E 61 -1.96 -15.88 15.70
CA ILE E 61 -2.33 -16.81 16.75
C ILE E 61 -3.63 -17.56 16.37
N THR E 62 -3.80 -18.76 16.88
CA THR E 62 -4.98 -19.60 16.55
C THR E 62 -5.65 -20.09 17.81
N GLY E 63 -6.98 -19.98 17.87
CA GLY E 63 -7.72 -20.37 19.09
C GLY E 63 -9.24 -20.35 19.03
N GLU E 64 -9.83 -20.55 20.22
CA GLU E 64 -11.27 -20.59 20.44
C GLU E 64 -11.79 -19.17 20.59
N VAL E 65 -12.95 -18.90 19.98
CA VAL E 65 -13.58 -17.61 20.20
C VAL E 65 -14.52 -17.76 21.40
N ASP E 66 -14.27 -16.91 22.40
CA ASP E 66 -15.06 -16.88 23.60
C ASP E 66 -16.45 -16.41 23.18
N PRO E 67 -17.48 -17.19 23.53
CA PRO E 67 -18.87 -16.87 23.21
C PRO E 67 -19.28 -15.48 23.74
N HIS E 68 -18.72 -15.06 24.88
CA HIS E 68 -19.09 -13.76 25.45
C HIS E 68 -18.36 -12.54 24.88
N THR E 69 -17.03 -12.57 24.87
CA THR E 69 -16.28 -11.44 24.44
C THR E 69 -16.37 -11.29 22.91
N GLY E 70 -16.65 -12.41 22.23
CA GLY E 70 -16.60 -12.53 20.79
C GLY E 70 -15.19 -12.43 20.18
N TRP E 71 -14.15 -12.61 20.98
CA TRP E 71 -12.82 -12.62 20.37
C TRP E 71 -11.92 -13.69 20.98
N ILE E 72 -10.71 -13.85 20.43
CA ILE E 72 -9.76 -14.82 20.97
C ILE E 72 -9.04 -14.16 22.13
N ILE E 73 -8.29 -13.10 21.81
CA ILE E 73 -7.87 -12.11 22.81
C ILE E 73 -7.94 -10.73 22.17
N ASP E 74 -7.92 -9.71 23.01
CA ASP E 74 -7.93 -8.36 22.50
C ASP E 74 -6.67 -8.17 21.65
N PHE E 75 -6.80 -7.57 20.47
CA PHE E 75 -5.61 -7.14 19.68
C PHE E 75 -4.60 -6.41 20.55
N ALA E 76 -5.11 -5.59 21.46
CA ALA E 76 -4.30 -4.78 22.33
C ALA E 76 -3.50 -5.64 23.30
N GLU E 77 -4.02 -6.83 23.64
CA GLU E 77 -3.30 -7.79 24.50
C GLU E 77 -2.09 -8.32 23.75
N LEU E 78 -2.35 -8.80 22.54
CA LEU E 78 -1.31 -9.15 21.64
C LEU E 78 -0.19 -8.07 21.55
N LYS E 79 -0.59 -6.83 21.34
CA LYS E 79 0.33 -5.72 21.18
C LYS E 79 1.13 -5.58 22.46
N ALA E 80 0.45 -5.70 23.60
CA ALA E 80 1.10 -5.56 24.90
C ALA E 80 2.09 -6.67 25.19
N ALA E 81 1.87 -7.85 24.62
CA ALA E 81 2.75 -8.97 24.92
C ALA E 81 4.04 -8.92 24.09
N PHE E 82 3.95 -8.30 22.92
CA PHE E 82 5.07 -8.26 22.00
C PHE E 82 6.00 -7.15 22.38
N LYS E 83 5.43 -6.21 23.12
CA LYS E 83 6.07 -4.96 23.38
C LYS E 83 7.45 -5.10 24.01
N PRO E 84 7.60 -5.92 25.06
CA PRO E 84 9.01 -5.94 25.59
C PRO E 84 10.01 -6.29 24.48
N THR E 85 9.60 -7.14 23.54
CA THR E 85 10.45 -7.63 22.49
C THR E 85 10.59 -6.56 21.42
N TYR E 86 9.50 -5.87 21.16
CA TYR E 86 9.52 -4.80 20.26
C TYR E 86 10.52 -3.69 20.64
N GLU E 87 10.59 -3.33 21.92
CA GLU E 87 11.48 -2.23 22.35
C GLU E 87 12.94 -2.55 22.15
N ARG E 88 13.25 -3.85 22.16
CA ARG E 88 14.58 -4.36 21.95
C ARG E 88 15.00 -4.32 20.47
N LEU E 89 14.04 -4.51 19.55
CA LEU E 89 14.38 -4.46 18.13
C LEU E 89 14.32 -3.08 17.52
N ASP E 90 13.30 -2.30 17.90
CA ASP E 90 13.08 -0.98 17.30
C ASP E 90 14.22 -0.01 17.60
N HIS E 91 14.71 0.67 16.58
CA HIS E 91 15.78 1.66 16.77
C HIS E 91 17.02 1.09 17.47
N HIS E 92 17.39 -0.12 17.12
CA HIS E 92 18.60 -0.76 17.58
C HIS E 92 19.33 -1.39 16.38
N TYR E 93 20.55 -1.87 16.65
CA TYR E 93 21.41 -2.62 15.76
C TYR E 93 21.29 -4.06 16.17
N LEU E 94 20.68 -4.82 15.29
CA LEU E 94 20.29 -6.20 15.58
C LEU E 94 21.48 -7.09 15.98
N ASN E 95 22.64 -6.90 15.36
CA ASN E 95 23.72 -7.82 15.67
C ASN E 95 24.16 -7.82 17.14
N ASP E 96 23.86 -6.76 17.90
CA ASP E 96 24.29 -6.69 19.31
C ASP E 96 23.32 -7.43 20.23
N ILE E 97 22.22 -7.96 19.70
CA ILE E 97 21.28 -8.69 20.54
C ILE E 97 21.59 -10.18 20.56
N PRO E 98 21.71 -10.78 21.74
CA PRO E 98 22.12 -12.21 21.75
C PRO E 98 21.12 -13.07 21.02
N GLY E 99 21.63 -13.94 20.15
CA GLY E 99 20.81 -14.85 19.36
C GLY E 99 20.57 -14.24 17.97
N LEU E 100 20.81 -12.94 17.81
CA LEU E 100 20.69 -12.29 16.51
C LEU E 100 22.04 -11.96 15.90
N GLU E 101 23.09 -12.75 16.24
CA GLU E 101 24.38 -12.34 15.69
C GLU E 101 24.55 -12.67 14.23
N ASN E 102 23.58 -13.44 13.69
CA ASN E 102 23.42 -13.62 12.24
C ASN E 102 21.97 -13.36 11.92
N PRO E 103 21.68 -12.10 11.72
CA PRO E 103 20.31 -11.58 11.72
C PRO E 103 19.58 -11.65 10.35
N THR E 104 19.52 -12.83 9.73
CA THR E 104 18.69 -13.03 8.55
C THR E 104 17.24 -12.98 8.96
N SER E 105 16.30 -12.98 8.00
CA SER E 105 14.85 -12.97 8.29
C SER E 105 14.41 -14.29 8.87
N GLU E 106 14.99 -15.37 8.31
CA GLU E 106 14.75 -16.68 8.88
C GLU E 106 15.15 -16.68 10.34
N VAL E 107 16.36 -16.19 10.68
CA VAL E 107 16.83 -16.21 12.07
C VAL E 107 15.96 -15.27 12.96
N LEU E 108 15.63 -14.10 12.45
CA LEU E 108 14.77 -13.19 13.18
C LEU E 108 13.38 -13.75 13.47
N ALA E 109 12.83 -14.43 12.48
CA ALA E 109 11.53 -14.95 12.67
C ALA E 109 11.59 -15.99 13.75
N LYS E 110 12.58 -16.88 13.74
CA LYS E 110 12.57 -17.90 14.76
C LYS E 110 12.83 -17.24 16.12
N TRP E 111 13.67 -16.22 16.11
CA TRP E 111 14.08 -15.61 17.35
C TRP E 111 12.87 -14.95 17.97
N ILE E 112 12.07 -14.26 17.16
CA ILE E 112 10.86 -13.63 17.62
C ILE E 112 9.91 -14.73 18.12
N TRP E 113 9.83 -15.86 17.42
CA TRP E 113 8.97 -16.93 17.96
C TRP E 113 9.42 -17.36 19.35
N ASP E 114 10.74 -17.50 19.53
CA ASP E 114 11.25 -18.01 20.80
C ASP E 114 11.01 -16.98 21.90
N GLN E 115 10.91 -15.71 21.56
CA GLN E 115 10.76 -14.73 22.63
C GLN E 115 9.31 -14.56 22.98
N VAL E 116 8.41 -14.81 22.03
CA VAL E 116 6.99 -14.45 22.21
C VAL E 116 6.07 -15.64 22.54
N LYS E 117 6.41 -16.83 22.03
CA LYS E 117 5.64 -18.05 22.31
C LYS E 117 5.40 -18.33 23.82
N PRO E 118 6.42 -18.12 24.66
CA PRO E 118 6.17 -18.32 26.09
C PRO E 118 5.05 -17.44 26.65
N VAL E 119 4.85 -16.25 26.08
CA VAL E 119 3.87 -15.30 26.66
C VAL E 119 2.58 -15.22 25.82
N VAL E 120 2.59 -15.83 24.63
CA VAL E 120 1.39 -15.97 23.85
C VAL E 120 1.26 -17.43 23.40
N PRO E 121 0.83 -18.34 24.29
CA PRO E 121 0.78 -19.76 23.86
C PRO E 121 -0.06 -20.10 22.63
N LEU E 122 -0.90 -19.17 22.18
CA LEU E 122 -1.71 -19.44 20.99
C LEU E 122 -0.99 -19.08 19.68
N LEU E 123 0.23 -18.55 19.82
CA LEU E 123 1.03 -18.24 18.66
C LEU E 123 1.12 -19.40 17.67
N SER E 124 0.81 -19.13 16.40
CA SER E 124 0.80 -20.18 15.36
C SER E 124 1.73 -19.83 14.19
N ALA E 125 2.13 -18.54 14.09
CA ALA E 125 3.15 -18.12 13.12
C ALA E 125 3.70 -16.72 13.40
N VAL E 126 4.95 -16.50 13.00
CA VAL E 126 5.59 -15.18 13.00
C VAL E 126 6.09 -14.91 11.54
N MET E 127 5.80 -13.75 10.98
CA MET E 127 6.32 -13.41 9.68
C MET E 127 7.17 -12.19 9.82
N VAL E 128 8.27 -12.19 9.09
CA VAL E 128 9.14 -11.03 9.09
C VAL E 128 9.39 -10.63 7.64
N LYS E 129 9.09 -9.39 7.31
CA LYS E 129 9.45 -8.85 6.02
C LYS E 129 10.55 -7.82 6.24
N GLU E 130 11.73 -8.01 5.65
CA GLU E 130 12.74 -6.91 5.56
C GLU E 130 12.36 -5.77 4.60
N THR E 131 11.84 -6.07 3.41
CA THR E 131 11.64 -5.03 2.39
C THR E 131 10.22 -5.25 1.97
N CYS E 132 9.65 -4.37 1.15
CA CYS E 132 8.26 -4.57 0.85
C CYS E 132 8.01 -5.88 0.07
N THR E 133 9.05 -6.41 -0.59
CA THR E 133 8.86 -7.54 -1.50
C THR E 133 9.42 -8.90 -1.03
N ALA E 134 9.85 -9.01 0.22
CA ALA E 134 10.62 -10.20 0.57
C ALA E 134 10.50 -10.53 2.03
N GLY E 135 10.13 -11.77 2.33
CA GLY E 135 10.13 -12.15 3.73
C GLY E 135 10.08 -13.60 4.02
N CYS E 136 9.78 -13.92 5.27
CA CYS E 136 9.61 -15.30 5.60
C CYS E 136 8.69 -15.57 6.76
N ILE E 137 8.22 -16.80 6.83
CA ILE E 137 7.26 -17.23 7.84
C ILE E 137 7.75 -18.47 8.57
N TYR E 138 7.78 -18.36 9.88
CA TYR E 138 8.21 -19.43 10.76
C TYR E 138 6.96 -19.93 11.44
N ARG E 139 6.62 -21.21 11.30
CA ARG E 139 5.51 -21.76 12.08
C ARG E 139 5.91 -23.03 12.87
N GLY E 140 5.03 -23.60 13.71
CA GLY E 140 5.48 -24.70 14.64
C GLY E 140 6.97 -24.43 15.02
N SER F 23 8.71 -25.74 10.65
CA SER F 23 9.19 -25.34 9.28
C SER F 23 9.27 -23.81 8.98
N THR F 24 10.13 -23.46 8.04
CA THR F 24 10.30 -22.09 7.55
C THR F 24 9.99 -21.93 6.05
N THR F 25 9.32 -20.83 5.74
CA THR F 25 8.93 -20.52 4.39
C THR F 25 9.49 -19.16 4.01
N LEU F 26 9.98 -19.05 2.78
CA LEU F 26 10.49 -17.79 2.28
C LEU F 26 9.67 -17.39 1.14
N PHE F 27 9.47 -16.10 0.98
CA PHE F 27 8.80 -15.69 -0.24
C PHE F 27 9.44 -14.44 -0.81
N LYS F 28 9.21 -14.26 -2.11
CA LYS F 28 9.69 -13.09 -2.80
C LYS F 28 8.67 -12.62 -3.84
N ASP F 29 8.41 -11.30 -3.85
CA ASP F 29 7.46 -10.66 -4.76
C ASP F 29 8.04 -9.93 -5.98
N PHE F 30 7.37 -10.11 -7.12
CA PHE F 30 7.75 -9.43 -8.35
C PHE F 30 6.51 -8.85 -9.04
N THR F 31 6.74 -7.76 -9.74
CA THR F 31 5.71 -7.21 -10.55
C THR F 31 6.12 -7.11 -12.06
N PHE F 32 5.20 -7.45 -12.94
CA PHE F 32 5.54 -7.33 -14.36
C PHE F 32 4.33 -6.69 -15.03
N GLU F 33 4.58 -6.02 -16.14
CA GLU F 33 3.55 -5.25 -16.80
C GLU F 33 3.23 -5.91 -18.13
N ALA F 34 1.96 -6.24 -18.40
CA ALA F 34 1.70 -7.11 -19.53
C ALA F 34 0.30 -6.91 -20.11
N ALA F 35 0.12 -7.32 -21.36
CA ALA F 35 -1.18 -7.29 -21.96
C ALA F 35 -1.67 -8.73 -22.07
N HIS F 36 -2.98 -8.88 -22.14
CA HIS F 36 -3.55 -10.19 -22.39
C HIS F 36 -5.01 -10.03 -22.76
N ARG F 37 -5.61 -11.05 -23.32
CA ARG F 37 -7.08 -11.10 -23.52
C ARG F 37 -7.53 -12.56 -23.26
N LEU F 38 -8.77 -12.75 -22.84
CA LEU F 38 -9.30 -14.08 -22.61
C LEU F 38 -10.09 -14.49 -23.84
N PRO F 39 -9.65 -15.56 -24.50
CA PRO F 39 -10.29 -16.05 -25.75
C PRO F 39 -11.61 -16.79 -25.50
N HIS F 40 -11.84 -17.35 -24.32
CA HIS F 40 -13.01 -18.27 -24.15
C HIS F 40 -14.20 -17.70 -23.37
N VAL F 41 -14.21 -16.37 -23.19
CA VAL F 41 -15.35 -15.70 -22.55
C VAL F 41 -16.45 -15.36 -23.61
N PRO F 42 -17.73 -15.22 -23.13
CA PRO F 42 -18.87 -14.88 -24.03
C PRO F 42 -18.62 -13.55 -24.72
N GLU F 43 -19.15 -13.36 -25.93
CA GLU F 43 -18.84 -12.15 -26.73
C GLU F 43 -19.02 -10.83 -25.98
N GLY F 44 -20.02 -10.72 -25.15
CA GLY F 44 -20.09 -9.46 -24.41
C GLY F 44 -18.84 -9.12 -23.58
N HIS F 45 -18.42 -10.11 -22.82
CA HIS F 45 -17.44 -10.02 -21.73
C HIS F 45 -16.19 -9.15 -21.91
N LYS F 46 -15.97 -8.27 -20.95
CA LYS F 46 -14.91 -7.25 -21.02
C LYS F 46 -13.47 -7.85 -21.03
N ALA F 47 -13.28 -9.05 -20.47
CA ALA F 47 -11.95 -9.72 -20.50
C ALA F 47 -11.56 -10.27 -21.89
N GLY F 48 -12.53 -10.31 -22.80
CA GLY F 48 -12.31 -10.69 -24.18
C GLY F 48 -11.72 -9.57 -25.00
N ARG F 49 -11.67 -8.34 -24.47
CA ARG F 49 -10.97 -7.23 -25.15
C ARG F 49 -9.50 -7.26 -24.75
N LEU F 50 -8.66 -6.85 -25.72
CA LEU F 50 -7.26 -6.68 -25.51
C LEU F 50 -7.11 -5.73 -24.30
N HIS F 51 -6.41 -6.15 -23.27
CA HIS F 51 -6.19 -5.20 -22.19
C HIS F 51 -4.93 -5.58 -21.48
N GLY F 52 -4.69 -5.04 -20.30
CA GLY F 52 -3.45 -5.32 -19.57
C GLY F 52 -3.61 -5.09 -18.07
N HIS F 53 -2.56 -5.38 -17.34
CA HIS F 53 -2.61 -5.34 -15.87
C HIS F 53 -1.16 -5.18 -15.44
N SER F 54 -0.96 -4.60 -14.27
CA SER F 54 0.31 -4.72 -13.56
C SER F 54 0.24 -6.01 -12.75
N PHE F 55 0.82 -7.09 -13.23
CA PHE F 55 0.67 -8.36 -12.52
C PHE F 55 1.58 -8.44 -11.33
N MET F 56 1.13 -9.07 -10.28
CA MET F 56 2.02 -9.29 -9.18
C MET F 56 2.22 -10.80 -9.01
N VAL F 57 3.48 -11.24 -8.90
CA VAL F 57 3.72 -12.65 -8.59
C VAL F 57 4.56 -12.87 -7.38
N ARG F 58 4.15 -13.83 -6.57
CA ARG F 58 4.86 -14.22 -5.38
C ARG F 58 5.38 -15.65 -5.53
N LEU F 59 6.69 -15.85 -5.37
CA LEU F 59 7.24 -17.22 -5.28
C LEU F 59 7.51 -17.60 -3.84
N GLU F 60 7.05 -18.78 -3.45
CA GLU F 60 7.15 -19.19 -2.05
C GLU F 60 7.96 -20.51 -2.01
N ILE F 61 8.96 -20.57 -1.12
CA ILE F 61 9.76 -21.78 -0.91
C ILE F 61 9.78 -22.23 0.55
N THR F 62 9.86 -23.54 0.78
CA THR F 62 9.84 -24.13 2.10
C THR F 62 10.98 -25.08 2.19
N GLY F 63 11.75 -24.98 3.26
CA GLY F 63 12.94 -25.81 3.39
C GLY F 63 13.66 -25.70 4.72
N GLU F 64 14.85 -26.28 4.74
CA GLU F 64 15.68 -26.26 5.91
C GLU F 64 16.54 -24.99 5.88
N VAL F 65 16.70 -24.38 7.05
CA VAL F 65 17.57 -23.20 7.20
C VAL F 65 18.99 -23.72 7.50
N ASP F 66 19.98 -23.41 6.65
CA ASP F 66 21.36 -23.87 6.88
C ASP F 66 21.95 -23.24 8.19
N PRO F 67 22.61 -24.07 9.03
CA PRO F 67 23.06 -23.44 10.30
C PRO F 67 24.15 -22.37 10.13
N HIS F 68 24.94 -22.39 9.03
CA HIS F 68 26.01 -21.37 8.86
C HIS F 68 25.51 -20.14 8.14
N THR F 69 24.91 -20.30 6.96
CA THR F 69 24.45 -19.14 6.19
C THR F 69 23.27 -18.48 6.91
N GLY F 70 22.47 -19.30 7.62
CA GLY F 70 21.30 -18.78 8.35
C GLY F 70 20.12 -18.45 7.45
N TRP F 71 20.17 -18.98 6.25
CA TRP F 71 19.05 -18.82 5.36
C TRP F 71 18.73 -20.12 4.62
N ILE F 72 17.61 -20.12 3.92
CA ILE F 72 17.23 -21.31 3.12
C ILE F 72 18.01 -21.26 1.82
N ILE F 73 17.77 -20.24 1.00
CA ILE F 73 18.67 -19.75 -0.05
C ILE F 73 18.60 -18.20 -0.09
N ASP F 74 19.60 -17.57 -0.70
CA ASP F 74 19.62 -16.12 -0.80
C ASP F 74 18.40 -15.65 -1.58
N PHE F 75 17.78 -14.57 -1.11
CA PHE F 75 16.75 -13.92 -1.92
C PHE F 75 17.28 -13.65 -3.33
N ALA F 76 18.55 -13.23 -3.45
CA ALA F 76 19.07 -12.89 -4.76
C ALA F 76 19.06 -14.14 -5.70
N GLU F 77 19.22 -15.34 -5.09
CA GLU F 77 19.25 -16.56 -5.90
C GLU F 77 17.87 -16.94 -6.44
N LEU F 78 16.87 -16.75 -5.61
CA LEU F 78 15.51 -16.97 -6.01
C LEU F 78 15.11 -16.03 -7.18
N LYS F 79 15.48 -14.76 -7.03
CA LYS F 79 15.35 -13.79 -8.09
C LYS F 79 16.10 -14.19 -9.36
N ALA F 80 17.37 -14.51 -9.23
CA ALA F 80 18.12 -14.93 -10.43
C ALA F 80 17.50 -16.15 -11.12
N ALA F 81 16.88 -17.05 -10.35
CA ALA F 81 16.29 -18.23 -10.96
C ALA F 81 15.01 -17.88 -11.70
N PHE F 82 14.24 -16.92 -11.18
CA PHE F 82 13.01 -16.52 -11.82
C PHE F 82 13.22 -15.61 -13.06
N LYS F 83 14.36 -14.92 -13.09
CA LYS F 83 14.64 -13.96 -14.16
C LYS F 83 14.25 -14.38 -15.61
N PRO F 84 14.68 -15.57 -16.06
CA PRO F 84 14.38 -15.84 -17.47
C PRO F 84 12.87 -15.94 -17.65
N THR F 85 12.16 -16.45 -16.66
CA THR F 85 10.72 -16.46 -16.82
C THR F 85 10.18 -15.03 -16.78
N TYR F 86 10.75 -14.22 -15.89
CA TYR F 86 10.33 -12.86 -15.66
C TYR F 86 10.45 -12.05 -16.96
N GLU F 87 11.53 -12.24 -17.68
CA GLU F 87 11.80 -11.46 -18.88
C GLU F 87 10.85 -11.82 -20.01
N ARG F 88 10.31 -13.02 -19.98
CA ARG F 88 9.38 -13.46 -20.98
C ARG F 88 8.01 -12.83 -20.77
N LEU F 89 7.68 -12.54 -19.51
CA LEU F 89 6.40 -12.03 -19.08
C LEU F 89 6.35 -10.51 -19.13
N ASP F 90 7.44 -9.86 -18.75
CA ASP F 90 7.42 -8.43 -18.59
C ASP F 90 7.38 -7.63 -19.86
N HIS F 91 6.48 -6.69 -19.90
CA HIS F 91 6.36 -5.88 -21.08
C HIS F 91 6.16 -6.75 -22.30
N HIS F 92 5.24 -7.70 -22.23
CA HIS F 92 4.92 -8.60 -23.35
C HIS F 92 3.43 -8.83 -23.37
N TYR F 93 2.93 -9.46 -24.43
CA TYR F 93 1.53 -9.87 -24.55
C TYR F 93 1.45 -11.36 -24.29
N LEU F 94 0.73 -11.77 -23.27
CA LEU F 94 0.82 -13.16 -22.73
C LEU F 94 0.29 -14.21 -23.70
N ASN F 95 -0.76 -13.89 -24.43
CA ASN F 95 -1.28 -14.83 -25.41
C ASN F 95 -0.25 -15.38 -26.40
N ASP F 96 0.84 -14.68 -26.61
CA ASP F 96 1.89 -15.14 -27.58
C ASP F 96 2.84 -16.17 -26.98
N ILE F 97 2.69 -16.43 -25.69
CA ILE F 97 3.58 -17.35 -25.01
C ILE F 97 2.96 -18.75 -25.00
N PRO F 98 3.72 -19.72 -25.49
CA PRO F 98 3.17 -21.09 -25.53
C PRO F 98 2.82 -21.56 -24.16
N GLY F 99 1.59 -22.05 -24.00
CA GLY F 99 1.02 -22.49 -22.73
C GLY F 99 0.10 -21.43 -22.09
N LEU F 100 0.30 -20.16 -22.49
CA LEU F 100 -0.52 -19.04 -22.02
C LEU F 100 -1.53 -18.55 -23.06
N GLU F 101 -1.96 -19.41 -23.97
CA GLU F 101 -2.97 -18.96 -24.91
C GLU F 101 -4.35 -18.72 -24.27
N ASN F 102 -4.58 -19.24 -23.06
CA ASN F 102 -5.74 -18.82 -22.29
C ASN F 102 -5.24 -18.25 -20.99
N PRO F 103 -4.85 -16.95 -20.99
CA PRO F 103 -3.99 -16.51 -19.87
C PRO F 103 -4.76 -15.97 -18.66
N THR F 104 -5.51 -16.84 -17.98
CA THR F 104 -6.18 -16.48 -16.76
C THR F 104 -5.14 -16.49 -15.66
N SER F 105 -5.55 -16.03 -14.49
CA SER F 105 -4.72 -16.06 -13.28
C SER F 105 -4.35 -17.48 -12.91
N GLU F 106 -5.35 -18.34 -12.95
CA GLU F 106 -5.13 -19.73 -12.62
C GLU F 106 -4.11 -20.38 -13.56
N VAL F 107 -4.24 -20.14 -14.85
CA VAL F 107 -3.36 -20.78 -15.82
C VAL F 107 -1.99 -20.15 -15.68
N LEU F 108 -1.93 -18.84 -15.47
CA LEU F 108 -0.62 -18.19 -15.24
C LEU F 108 0.10 -18.76 -14.00
N ALA F 109 -0.63 -18.96 -12.92
CA ALA F 109 -0.03 -19.52 -11.70
C ALA F 109 0.60 -20.90 -11.95
N LYS F 110 -0.19 -21.78 -12.53
CA LYS F 110 0.26 -23.10 -12.80
C LYS F 110 1.45 -22.96 -13.78
N TRP F 111 1.36 -22.03 -14.73
CA TRP F 111 2.37 -22.00 -15.78
C TRP F 111 3.71 -21.60 -15.20
N ILE F 112 3.67 -20.60 -14.33
CA ILE F 112 4.82 -20.11 -13.66
C ILE F 112 5.38 -21.22 -12.82
N TRP F 113 4.53 -21.92 -12.08
CA TRP F 113 4.95 -23.09 -11.28
C TRP F 113 5.75 -23.98 -12.17
N ASP F 114 5.24 -24.22 -13.38
CA ASP F 114 5.83 -25.23 -14.24
C ASP F 114 7.19 -24.79 -14.77
N GLN F 115 7.38 -23.48 -14.95
CA GLN F 115 8.64 -23.01 -15.49
C GLN F 115 9.68 -22.95 -14.37
N VAL F 116 9.20 -22.75 -13.14
CA VAL F 116 10.09 -22.43 -12.03
C VAL F 116 10.45 -23.64 -11.14
N LYS F 117 9.51 -24.55 -10.91
CA LYS F 117 9.79 -25.71 -10.11
C LYS F 117 11.08 -26.44 -10.52
N PRO F 118 11.35 -26.64 -11.82
CA PRO F 118 12.61 -27.37 -12.16
C PRO F 118 13.90 -26.70 -11.75
N VAL F 119 13.94 -25.36 -11.73
CA VAL F 119 15.16 -24.70 -11.33
C VAL F 119 15.15 -24.32 -9.85
N VAL F 120 13.98 -24.42 -9.19
CA VAL F 120 13.87 -24.12 -7.72
C VAL F 120 13.05 -25.26 -7.06
N PRO F 121 13.69 -26.36 -6.75
CA PRO F 121 12.95 -27.49 -6.22
C PRO F 121 12.31 -27.23 -4.83
N LEU F 122 12.81 -26.26 -4.06
CA LEU F 122 12.10 -25.86 -2.81
C LEU F 122 10.73 -25.13 -2.98
N LEU F 123 10.38 -24.78 -4.21
CA LEU F 123 9.13 -24.04 -4.47
C LEU F 123 7.91 -24.75 -3.98
N SER F 124 7.10 -24.02 -3.21
CA SER F 124 5.94 -24.63 -2.57
C SER F 124 4.67 -23.84 -2.89
N ALA F 125 4.78 -22.60 -3.32
CA ALA F 125 3.58 -21.93 -3.85
C ALA F 125 3.93 -20.82 -4.85
N VAL F 126 2.99 -20.59 -5.76
CA VAL F 126 3.03 -19.41 -6.60
C VAL F 126 1.73 -18.68 -6.53
N MET F 127 1.83 -17.37 -6.35
CA MET F 127 0.67 -16.57 -6.30
C MET F 127 0.74 -15.52 -7.41
N VAL F 128 -0.41 -15.32 -8.07
CA VAL F 128 -0.57 -14.33 -9.08
C VAL F 128 -1.74 -13.38 -8.75
N LYS F 129 -1.45 -12.07 -8.79
CA LYS F 129 -2.49 -11.11 -8.60
C LYS F 129 -2.62 -10.35 -9.87
N GLU F 130 -3.80 -10.39 -10.48
CA GLU F 130 -4.08 -9.60 -11.70
C GLU F 130 -4.27 -8.12 -11.42
N THR F 131 -4.96 -7.79 -10.34
CA THR F 131 -5.29 -6.41 -10.02
C THR F 131 -4.96 -6.30 -8.54
N CYS F 132 -5.16 -5.13 -7.94
CA CYS F 132 -4.93 -5.03 -6.51
C CYS F 132 -5.85 -5.93 -5.64
N THR F 133 -7.03 -6.24 -6.11
CA THR F 133 -7.94 -6.86 -5.21
C THR F 133 -8.28 -8.32 -5.53
N ALA F 134 -7.51 -8.95 -6.41
CA ALA F 134 -7.92 -10.22 -7.01
C ALA F 134 -6.76 -11.09 -7.53
N GLY F 135 -6.74 -12.34 -7.10
CA GLY F 135 -5.75 -13.24 -7.64
C GLY F 135 -5.87 -14.67 -7.25
N CYS F 136 -4.76 -15.35 -7.19
CA CYS F 136 -4.87 -16.77 -7.16
C CYS F 136 -3.59 -17.46 -6.67
N ILE F 137 -3.74 -18.58 -5.97
CA ILE F 137 -2.60 -19.31 -5.39
C ILE F 137 -2.58 -20.75 -5.88
N TYR F 138 -1.42 -21.12 -6.42
CA TYR F 138 -1.22 -22.47 -6.90
C TYR F 138 -0.08 -23.15 -6.17
N ARG F 139 -0.34 -24.39 -5.76
CA ARG F 139 0.71 -25.35 -5.35
C ARG F 139 0.45 -26.70 -6.00
N GLY F 140 1.47 -27.30 -6.63
CA GLY F 140 1.39 -28.72 -7.06
C GLY F 140 2.17 -29.66 -6.10
N1 BIO G . -18.02 14.10 -0.99
N2 BIO G . -16.80 16.05 -1.34
C2 BIO G . -17.17 15.06 -0.53
N3 BIO G . -16.71 15.10 0.74
C4 BIO G . -17.06 14.14 1.57
O4 BIO G . -16.60 14.16 2.69
C4A BIO G . -17.90 13.12 1.14
C8A BIO G . -18.40 13.12 -0.17
N8 BIO G . -19.24 12.15 -0.60
C7 BIO G . -19.59 11.19 0.27
C6 BIO G . -19.06 11.17 1.57
N5 BIO G . -18.23 12.15 2.01
C9 BIO G . -19.41 10.10 2.53
O9 BIO G . -18.74 10.23 3.80
C10 BIO G . -18.81 8.88 1.98
O10 BIO G . -19.58 8.62 0.85
C11 BIO G . -19.08 7.80 2.99
ZN ZN H . -18.47 8.78 5.17
N1 BIO I . 8.88 7.65 -19.65
N2 BIO I . 8.48 9.95 -19.30
C2 BIO I . 8.03 8.70 -19.56
N3 BIO I . 6.68 8.57 -19.70
C4 BIO I . 6.14 7.37 -19.95
O4 BIO I . 4.89 7.20 -20.06
C4A BIO I . 6.98 6.28 -20.06
C8A BIO I . 8.36 6.42 -19.89
N8 BIO I . 9.14 5.31 -20.02
C7 BIO I . 8.60 4.09 -20.28
C6 BIO I . 7.20 3.96 -20.40
N5 BIO I . 6.42 5.08 -20.31
C9 BIO I . 6.57 2.66 -20.69
O9 BIO I . 5.14 2.68 -20.88
C10 BIO I . 6.86 1.75 -19.56
O10 BIO I . 7.96 0.98 -20.03
C11 BIO I . 5.71 0.82 -19.31
ZN ZN J . 3.83 1.01 -20.63
N1 BIO K . 12.46 14.35 12.95
N2 BIO K . 12.17 16.33 11.70
C2 BIO K . 12.69 15.09 11.85
N3 BIO K . 13.46 14.61 10.84
C4 BIO K . 14.01 13.40 10.89
O4 BIO K . 14.73 13.00 9.95
C4A BIO K . 13.79 12.62 12.00
C8A BIO K . 12.99 13.10 13.05
N8 BIO K . 12.80 12.32 14.16
C7 BIO K . 13.36 11.11 14.21
C6 BIO K . 14.10 10.62 13.15
N5 BIO K . 14.36 11.39 12.07
C9 BIO K . 14.76 9.32 13.24
O9 BIO K . 15.59 9.03 12.09
C10 BIO K . 13.73 8.28 13.50
O10 BIO K . 13.69 8.27 14.91
C11 BIO K . 14.21 6.93 13.03
ZN ZN L . 16.14 7.15 11.70
N1 BIO M . -9.81 -7.50 19.33
N2 BIO M . -9.65 -9.78 18.96
C2 BIO M . -10.20 -8.60 18.67
N3 BIO M . -11.14 -8.53 17.71
C4 BIO M . -11.68 -7.35 17.41
O4 BIO M . -12.53 -7.22 16.51
C4A BIO M . -11.30 -6.22 18.09
C8A BIO M . -10.35 -6.29 19.09
N8 BIO M . -10.03 -5.15 19.78
C7 BIO M . -10.55 -3.98 19.47
C6 BIO M . -11.51 -3.92 18.42
N5 BIO M . -11.87 -5.06 17.76
C9 BIO M . -12.19 -2.66 17.98
O9 BIO M . -12.87 -2.78 16.72
C10 BIO M . -11.08 -1.68 17.70
O10 BIO M . -10.79 -1.11 18.96
C11 BIO M . -11.51 -0.57 16.77
ZN ZN N . -13.71 -1.20 16.05
N1 BIO O . 18.29 -13.95 1.84
N2 BIO O . 17.21 -15.97 2.42
C2 BIO O . 17.60 -14.71 2.75
N3 BIO O . 17.32 -14.25 4.00
C4 BIO O . 17.70 -12.98 4.37
O4 BIO O . 17.43 -12.49 5.50
C4A BIO O . 18.36 -12.20 3.46
C8A BIO O . 18.67 -12.69 2.19
N8 BIO O . 19.38 -11.89 1.34
C7 BIO O . 19.74 -10.66 1.73
C6 BIO O . 19.41 -10.14 2.99
N5 BIO O . 18.72 -10.93 3.84
C9 BIO O . 19.81 -8.75 3.38
O9 BIO O . 19.28 -8.24 4.62
C10 BIO O . 19.34 -7.87 2.28
O10 BIO O . 20.38 -8.06 1.35
C11 BIO O . 19.31 -6.39 2.62
ZN ZN P . 19.47 -6.53 5.27
N1 BIO Q . -11.83 -14.75 -13.25
N2 BIO Q . -11.39 -16.67 -12.01
C2 BIO Q . -10.96 -15.67 -12.81
N3 BIO Q . -9.68 -15.67 -13.20
C4 BIO Q . -9.20 -14.70 -14.02
O4 BIO Q . -8.00 -14.66 -14.39
C4A BIO Q . -10.08 -13.70 -14.44
C8A BIO Q . -11.42 -13.74 -14.05
N8 BIO Q . -12.28 -12.77 -14.48
C7 BIO Q . -11.84 -11.78 -15.30
C6 BIO Q . -10.47 -11.77 -15.68
N5 BIO Q . -9.62 -12.73 -15.26
C9 BIO Q . -9.92 -10.69 -16.57
O9 BIO Q . -8.51 -10.79 -16.77
C10 BIO Q . -10.17 -9.34 -15.97
O10 BIO Q . -11.53 -8.97 -16.23
C11 BIO Q . -9.36 -8.32 -16.71
ZN ZN R . -7.38 -9.30 -17.57
#